data_1ACM
#
_entry.id   1ACM
#
_cell.length_a   122.200
_cell.length_b   122.200
_cell.length_c   156.200
_cell.angle_alpha   90.00
_cell.angle_beta   90.00
_cell.angle_gamma   120.00
#
_symmetry.space_group_name_H-M   'P 3 2 1'
#
loop_
_entity.id
_entity.type
_entity.pdbx_description
1 polymer 'ASPARTATE CARBAMOYLTRANSFERASE, CATALYTIC CHAIN'
2 polymer 'ASPARTATE CARBAMOYLTRANSFERASE REGULATORY CHAIN'
3 non-polymer 'N-(PHOSPHONACETYL)-L-ASPARTIC ACID'
4 non-polymer 'ZINC ION'
5 water water
#
loop_
_entity_poly.entity_id
_entity_poly.type
_entity_poly.pdbx_seq_one_letter_code
_entity_poly.pdbx_strand_id
1 'polypeptide(L)'
;ANPLYQKHIISINDLSRDDLNLVLATAAKLKANPQPELLKHKVIASCFFEASTATRLSFQTSMHRLGASVVGFSDSANTS
LGKKGETLADTISVISTYVDAIVMRHPQEGAARLATEFSGNVPVLNAGDGSNQHPTQTLLDLFTIQQTEGRLDNLHVAMV
GDLKYGRTVHSLTQALAKFDGNRFYFIAPDALAMPEYILDMLDEKGIAWSLHSSIEEVMAEVDILYMTRVQKERLDPSEY
ANVKAQFVLRASDLHNAKANMKVLHPLPRVDEIATDVDKTPHAWYFQQAGNGIFARQALLALVLNRDLVL
;
A,C
2 'polypeptide(L)'
;MTHDNKLGVEAIKRGTVIDHIPAQIGFKLLSLFKLTETDQRITIGLNLPSGEMGRKDLIKIENTFLSEDQVDQLALYAPQ
ATVNRIDNYEVVGKSRPSLPERIDNVLVCPNSNCISHAEPVSSSFAVRKRANDIALKCKYCEKEFSHNVVLAN
;
B,D
#
loop_
_chem_comp.id
_chem_comp.type
_chem_comp.name
_chem_comp.formula
PAL non-polymer 'N-(PHOSPHONACETYL)-L-ASPARTIC ACID' 'C6 H10 N O8 P'
ZN non-polymer 'ZINC ION' 'Zn 2'
#
# COMPACT_ATOMS: atom_id res chain seq x y z
N ALA A 1 -47.09 -14.13 -13.90
CA ALA A 1 -46.13 -13.66 -12.94
C ALA A 1 -46.27 -12.14 -13.10
N ASN A 2 -46.31 -11.33 -12.02
CA ASN A 2 -46.36 -9.85 -12.12
C ASN A 2 -45.00 -9.36 -12.62
N PRO A 3 -44.77 -8.12 -13.06
CA PRO A 3 -43.49 -7.69 -13.63
C PRO A 3 -42.22 -7.73 -12.75
N LEU A 4 -42.39 -7.55 -11.42
CA LEU A 4 -41.27 -7.47 -10.48
C LEU A 4 -40.99 -8.79 -9.80
N TYR A 5 -41.74 -9.81 -10.15
CA TYR A 5 -41.64 -11.09 -9.49
C TYR A 5 -40.23 -11.61 -9.63
N GLN A 6 -39.65 -11.80 -8.47
CA GLN A 6 -38.27 -12.23 -8.29
C GLN A 6 -37.14 -11.41 -8.90
N LYS A 7 -37.43 -10.13 -9.17
CA LYS A 7 -36.41 -9.25 -9.67
C LYS A 7 -35.58 -8.83 -8.43
N HIS A 8 -34.31 -8.51 -8.64
CA HIS A 8 -33.50 -7.92 -7.60
C HIS A 8 -33.91 -6.45 -7.57
N ILE A 9 -34.06 -5.76 -6.43
CA ILE A 9 -34.34 -4.31 -6.46
C ILE A 9 -33.06 -3.60 -5.97
N ILE A 10 -32.17 -3.19 -6.87
CA ILE A 10 -30.93 -2.59 -6.45
C ILE A 10 -30.78 -1.11 -6.69
N SER A 11 -31.20 -0.56 -7.84
CA SER A 11 -31.02 0.83 -8.18
C SER A 11 -32.25 1.35 -8.84
N ILE A 12 -32.66 2.60 -8.68
CA ILE A 12 -33.81 3.11 -9.40
C ILE A 12 -33.50 3.14 -10.87
N ASN A 13 -32.23 3.14 -11.22
CA ASN A 13 -31.87 3.16 -12.61
C ASN A 13 -32.34 1.96 -13.41
N ASP A 14 -32.60 0.81 -12.80
CA ASP A 14 -33.07 -0.35 -13.53
C ASP A 14 -34.60 -0.49 -13.51
N LEU A 15 -35.41 0.43 -12.96
CA LEU A 15 -36.85 0.23 -12.91
C LEU A 15 -37.49 1.22 -13.85
N SER A 16 -38.65 0.94 -14.41
CA SER A 16 -39.29 1.81 -15.39
C SER A 16 -40.35 2.62 -14.68
N ARG A 17 -40.91 3.65 -15.32
CA ARG A 17 -42.02 4.40 -14.74
C ARG A 17 -43.12 3.43 -14.32
N ASP A 18 -43.38 2.43 -15.14
CA ASP A 18 -44.40 1.42 -14.86
C ASP A 18 -44.10 0.57 -13.63
N ASP A 19 -42.86 0.07 -13.45
CA ASP A 19 -42.46 -0.71 -12.28
C ASP A 19 -42.71 0.08 -11.00
N LEU A 20 -42.42 1.39 -11.02
CA LEU A 20 -42.64 2.24 -9.87
C LEU A 20 -44.13 2.39 -9.62
N ASN A 21 -44.90 2.62 -10.68
CA ASN A 21 -46.34 2.80 -10.56
C ASN A 21 -47.07 1.60 -10.03
N LEU A 22 -46.53 0.44 -10.37
CA LEU A 22 -47.05 -0.81 -9.90
C LEU A 22 -46.89 -0.88 -8.40
N VAL A 23 -45.64 -0.69 -7.91
CA VAL A 23 -45.34 -0.75 -6.47
C VAL A 23 -46.31 0.17 -5.70
N LEU A 24 -46.48 1.36 -6.26
CA LEU A 24 -47.32 2.35 -5.65
C LEU A 24 -48.75 1.91 -5.58
N ALA A 25 -49.28 1.32 -6.66
CA ALA A 25 -50.64 0.84 -6.67
C ALA A 25 -50.86 -0.26 -5.67
N THR A 26 -49.86 -1.14 -5.54
CA THR A 26 -49.96 -2.23 -4.59
C THR A 26 -49.87 -1.69 -3.17
N ALA A 27 -49.14 -0.61 -2.94
CA ALA A 27 -49.03 0.02 -1.64
C ALA A 27 -50.36 0.52 -1.18
N ALA A 28 -51.07 1.21 -2.07
CA ALA A 28 -52.41 1.70 -1.75
C ALA A 28 -53.42 0.57 -1.52
N LYS A 29 -53.28 -0.54 -2.28
CA LYS A 29 -54.16 -1.67 -2.09
C LYS A 29 -53.91 -2.27 -0.74
N LEU A 30 -52.67 -2.67 -0.41
CA LEU A 30 -52.33 -3.21 0.91
C LEU A 30 -52.48 -2.18 2.03
N LYS A 31 -52.47 -0.86 1.81
CA LYS A 31 -52.75 0.06 2.91
C LYS A 31 -54.24 0.04 3.28
N ALA A 32 -55.08 -0.13 2.25
CA ALA A 32 -56.53 -0.14 2.37
C ALA A 32 -56.98 -1.42 3.03
N ASN A 33 -56.53 -2.57 2.54
CA ASN A 33 -56.91 -3.77 3.23
C ASN A 33 -55.77 -4.77 3.28
N PRO A 34 -55.41 -5.16 4.51
CA PRO A 34 -54.28 -5.99 4.87
C PRO A 34 -54.21 -7.35 4.26
N GLN A 35 -53.08 -8.06 4.40
CA GLN A 35 -52.95 -9.40 3.87
C GLN A 35 -52.09 -10.35 4.74
N PRO A 36 -52.43 -10.65 6.01
CA PRO A 36 -51.60 -11.25 7.07
C PRO A 36 -50.85 -12.54 6.84
N GLU A 37 -51.23 -13.20 5.79
CA GLU A 37 -50.72 -14.51 5.56
C GLU A 37 -50.27 -14.47 4.11
N LEU A 38 -49.98 -13.33 3.50
CA LEU A 38 -49.56 -13.31 2.11
C LEU A 38 -48.21 -13.95 1.91
N LEU A 39 -47.34 -13.92 2.89
CA LEU A 39 -45.99 -14.44 2.79
C LEU A 39 -45.73 -15.47 3.88
N LYS A 40 -46.78 -16.20 4.17
CA LYS A 40 -46.69 -17.25 5.16
C LYS A 40 -45.73 -18.26 4.55
N HIS A 41 -44.90 -18.73 5.47
CA HIS A 41 -43.92 -19.77 5.21
C HIS A 41 -42.71 -19.33 4.42
N LYS A 42 -42.42 -18.02 4.33
CA LYS A 42 -41.18 -17.57 3.70
C LYS A 42 -40.20 -17.14 4.78
N VAL A 43 -38.85 -17.20 4.70
CA VAL A 43 -38.00 -16.68 5.77
C VAL A 43 -37.12 -15.74 5.02
N ILE A 44 -37.06 -14.47 5.43
CA ILE A 44 -36.31 -13.41 4.79
C ILE A 44 -35.14 -12.99 5.68
N ALA A 45 -33.99 -12.80 5.05
CA ALA A 45 -32.81 -12.41 5.78
C ALA A 45 -32.80 -10.91 5.96
N SER A 46 -32.43 -10.31 7.10
CA SER A 46 -32.31 -8.88 7.26
C SER A 46 -30.82 -8.65 7.52
N CYS A 47 -30.03 -8.29 6.54
CA CYS A 47 -28.60 -8.17 6.70
C CYS A 47 -28.10 -6.74 6.75
N PHE A 48 -28.12 -6.13 7.93
CA PHE A 48 -27.65 -4.78 8.03
C PHE A 48 -26.23 -4.72 8.54
N PHE A 49 -25.35 -4.43 7.59
CA PHE A 49 -23.97 -4.21 7.83
C PHE A 49 -23.72 -2.71 8.10
N GLU A 50 -24.70 -1.83 8.30
CA GLU A 50 -24.49 -0.40 8.51
C GLU A 50 -25.67 -0.04 9.40
N ALA A 51 -25.58 1.07 10.13
CA ALA A 51 -26.60 1.51 11.07
C ALA A 51 -27.98 1.70 10.48
N SER A 52 -29.00 1.36 11.26
CA SER A 52 -30.36 1.59 10.86
C SER A 52 -31.35 1.50 12.00
N THR A 53 -32.25 2.47 12.13
CA THR A 53 -33.42 2.30 12.97
C THR A 53 -34.60 2.06 12.00
N ALA A 54 -35.00 3.08 11.21
CA ALA A 54 -36.16 3.00 10.34
C ALA A 54 -36.15 2.01 9.17
N THR A 55 -35.28 2.06 8.16
CA THR A 55 -35.26 1.02 7.12
C THR A 55 -35.29 -0.42 7.65
N ARG A 56 -34.45 -0.83 8.62
CA ARG A 56 -34.51 -2.17 9.13
C ARG A 56 -35.81 -2.39 9.86
N LEU A 57 -36.25 -1.55 10.80
CA LEU A 57 -37.43 -1.92 11.54
C LEU A 57 -38.68 -1.78 10.71
N SER A 58 -38.80 -0.92 9.69
CA SER A 58 -40.00 -0.85 8.90
C SER A 58 -39.95 -2.07 8.00
N PHE A 59 -38.77 -2.53 7.51
CA PHE A 59 -38.73 -3.72 6.66
C PHE A 59 -39.17 -4.96 7.43
N GLN A 60 -38.65 -5.15 8.66
CA GLN A 60 -39.00 -6.30 9.48
C GLN A 60 -40.47 -6.25 9.95
N THR A 61 -41.07 -5.09 10.15
CA THR A 61 -42.48 -5.02 10.48
C THR A 61 -43.26 -5.40 9.25
N SER A 62 -42.95 -4.89 8.08
CA SER A 62 -43.63 -5.31 6.86
C SER A 62 -43.56 -6.83 6.69
N MET A 63 -42.39 -7.48 6.76
CA MET A 63 -42.27 -8.96 6.67
C MET A 63 -43.18 -9.67 7.68
N HIS A 64 -43.23 -9.12 8.91
CA HIS A 64 -44.10 -9.65 9.92
C HIS A 64 -45.53 -9.32 9.56
N ARG A 65 -45.91 -8.18 8.97
CA ARG A 65 -47.31 -7.90 8.70
C ARG A 65 -47.81 -8.76 7.53
N LEU A 66 -46.93 -9.48 6.81
CA LEU A 66 -47.37 -10.38 5.77
C LEU A 66 -47.10 -11.84 6.11
N GLY A 67 -46.82 -12.25 7.35
CA GLY A 67 -46.69 -13.67 7.68
C GLY A 67 -45.32 -14.29 7.53
N ALA A 68 -44.36 -13.57 6.98
CA ALA A 68 -43.06 -14.11 6.80
C ALA A 68 -42.28 -14.05 8.11
N SER A 69 -41.24 -14.85 8.12
CA SER A 69 -40.30 -14.93 9.22
C SER A 69 -39.03 -14.21 8.87
N VAL A 70 -38.35 -13.66 9.86
CA VAL A 70 -37.18 -12.86 9.60
C VAL A 70 -36.00 -13.52 10.25
N VAL A 71 -34.81 -13.57 9.65
CA VAL A 71 -33.57 -14.00 10.31
C VAL A 71 -32.57 -12.92 9.92
N GLY A 72 -31.44 -12.66 10.61
CA GLY A 72 -30.52 -11.62 10.15
C GLY A 72 -29.56 -11.13 11.20
N PHE A 73 -29.01 -9.94 11.00
CA PHE A 73 -28.12 -9.29 11.96
C PHE A 73 -28.13 -7.79 11.73
N SER A 74 -27.87 -7.03 12.77
CA SER A 74 -27.92 -5.59 12.62
C SER A 74 -26.57 -4.89 12.64
N ASP A 75 -25.61 -5.76 12.94
CA ASP A 75 -24.23 -5.41 13.18
C ASP A 75 -23.33 -6.46 12.62
N SER A 76 -22.28 -6.05 11.94
CA SER A 76 -21.40 -7.01 11.33
C SER A 76 -20.31 -7.47 12.29
N ALA A 77 -20.15 -6.86 13.49
CA ALA A 77 -19.02 -7.18 14.33
C ALA A 77 -19.04 -8.59 14.83
N ASN A 78 -20.18 -9.24 14.95
CA ASN A 78 -20.16 -10.60 15.42
C ASN A 78 -20.59 -11.58 14.37
N THR A 79 -20.45 -11.21 13.08
CA THR A 79 -20.74 -12.12 11.98
C THR A 79 -19.40 -12.79 11.69
N SER A 80 -19.26 -13.90 10.96
CA SER A 80 -17.95 -14.41 10.59
C SER A 80 -17.22 -13.50 9.61
N LEU A 81 -17.88 -12.51 9.00
CA LEU A 81 -17.23 -11.55 8.14
C LEU A 81 -16.53 -10.60 9.11
N GLY A 82 -17.24 -10.16 10.16
CA GLY A 82 -16.65 -9.34 11.23
C GLY A 82 -15.41 -9.95 11.88
N LYS A 83 -15.48 -11.16 12.45
CA LYS A 83 -14.41 -11.81 13.19
C LYS A 83 -13.56 -12.86 12.50
N LYS A 84 -13.95 -13.41 11.37
CA LYS A 84 -13.23 -14.53 10.79
C LYS A 84 -12.69 -14.31 9.38
N GLY A 85 -13.02 -13.18 8.76
CA GLY A 85 -12.54 -12.90 7.44
C GLY A 85 -13.42 -13.47 6.34
N GLU A 86 -14.69 -13.84 6.61
CA GLU A 86 -15.51 -14.37 5.55
C GLU A 86 -15.72 -13.28 4.52
N THR A 87 -15.70 -13.54 3.23
CA THR A 87 -15.93 -12.51 2.24
C THR A 87 -17.40 -12.23 2.13
N LEU A 88 -17.80 -11.10 1.57
CA LEU A 88 -19.21 -10.80 1.42
C LEU A 88 -19.74 -11.80 0.39
N ALA A 89 -18.92 -12.19 -0.57
CA ALA A 89 -19.30 -13.14 -1.57
C ALA A 89 -19.62 -14.49 -0.93
N ASP A 90 -18.75 -15.11 -0.13
CA ASP A 90 -19.08 -16.37 0.53
C ASP A 90 -20.18 -16.20 1.54
N THR A 91 -20.34 -15.01 2.16
CA THR A 91 -21.44 -14.76 3.07
C THR A 91 -22.74 -14.88 2.32
N ILE A 92 -22.88 -14.19 1.17
CA ILE A 92 -24.10 -14.26 0.41
C ILE A 92 -24.25 -15.69 -0.14
N SER A 93 -23.17 -16.39 -0.55
CA SER A 93 -23.33 -17.74 -1.03
C SER A 93 -23.94 -18.66 -0.01
N VAL A 94 -23.53 -18.58 1.27
CA VAL A 94 -24.11 -19.43 2.28
C VAL A 94 -25.53 -18.95 2.56
N ILE A 95 -25.82 -17.65 2.79
CA ILE A 95 -27.17 -17.23 3.15
C ILE A 95 -28.17 -17.55 2.04
N SER A 96 -27.78 -17.51 0.77
CA SER A 96 -28.66 -17.93 -0.33
C SER A 96 -29.14 -19.36 -0.24
N THR A 97 -28.50 -20.25 0.52
CA THR A 97 -29.03 -21.59 0.59
C THR A 97 -30.07 -21.69 1.72
N TYR A 98 -30.48 -20.59 2.38
CA TYR A 98 -31.34 -20.70 3.54
C TYR A 98 -32.66 -19.98 3.43
N VAL A 99 -32.59 -18.75 2.92
CA VAL A 99 -33.70 -17.83 2.93
C VAL A 99 -34.35 -17.60 1.59
N ASP A 100 -35.58 -17.08 1.60
CA ASP A 100 -36.28 -16.87 0.35
C ASP A 100 -35.94 -15.54 -0.33
N ALA A 101 -35.38 -14.54 0.36
CA ALA A 101 -34.95 -13.26 -0.19
C ALA A 101 -34.07 -12.62 0.88
N ILE A 102 -33.16 -11.72 0.43
CA ILE A 102 -32.09 -11.06 1.19
C ILE A 102 -32.22 -9.54 1.14
N VAL A 103 -32.43 -8.83 2.26
CA VAL A 103 -32.50 -7.38 2.33
C VAL A 103 -31.17 -6.95 2.90
N MET A 104 -30.34 -6.11 2.32
CA MET A 104 -29.06 -5.84 2.96
C MET A 104 -28.68 -4.38 2.80
N ARG A 105 -28.14 -3.77 3.85
CA ARG A 105 -27.65 -2.39 3.81
C ARG A 105 -26.17 -2.58 4.07
N HIS A 106 -25.32 -1.80 3.42
CA HIS A 106 -23.90 -2.06 3.54
C HIS A 106 -23.17 -0.75 3.30
N PRO A 107 -22.01 -0.50 3.89
CA PRO A 107 -21.28 0.77 3.76
C PRO A 107 -20.50 1.09 2.48
N GLN A 108 -20.18 0.09 1.66
CA GLN A 108 -19.53 0.23 0.38
C GLN A 108 -20.53 0.37 -0.78
N GLU A 109 -20.25 1.26 -1.74
CA GLU A 109 -21.11 1.36 -2.89
C GLU A 109 -20.88 0.11 -3.71
N GLY A 110 -21.94 -0.50 -4.17
CA GLY A 110 -21.82 -1.66 -5.02
C GLY A 110 -22.09 -2.97 -4.32
N ALA A 111 -22.22 -2.95 -3.00
CA ALA A 111 -22.46 -4.18 -2.26
C ALA A 111 -23.72 -4.94 -2.65
N ALA A 112 -24.90 -4.35 -2.83
CA ALA A 112 -26.06 -5.16 -3.21
C ALA A 112 -25.90 -5.70 -4.63
N ARG A 113 -25.32 -4.91 -5.55
CA ARG A 113 -25.10 -5.37 -6.92
C ARG A 113 -24.21 -6.59 -6.79
N LEU A 114 -23.11 -6.71 -6.03
CA LEU A 114 -22.43 -7.97 -6.15
C LEU A 114 -23.11 -9.09 -5.39
N ALA A 115 -23.97 -8.85 -4.43
CA ALA A 115 -24.66 -9.95 -3.78
C ALA A 115 -25.44 -10.72 -4.82
N THR A 116 -25.95 -10.00 -5.82
CA THR A 116 -26.76 -10.67 -6.79
C THR A 116 -25.91 -11.62 -7.59
N GLU A 117 -24.66 -11.32 -7.83
CA GLU A 117 -23.81 -12.27 -8.53
C GLU A 117 -23.68 -13.59 -7.80
N PHE A 118 -23.86 -13.60 -6.49
CA PHE A 118 -23.66 -14.81 -5.74
C PHE A 118 -24.94 -15.28 -5.10
N SER A 119 -26.09 -14.66 -5.24
CA SER A 119 -27.28 -15.09 -4.55
C SER A 119 -28.18 -16.13 -5.19
N GLY A 120 -27.82 -16.71 -6.34
CA GLY A 120 -28.65 -17.70 -7.02
C GLY A 120 -29.96 -17.12 -7.50
N ASN A 121 -31.06 -17.72 -7.09
CA ASN A 121 -32.35 -17.22 -7.52
C ASN A 121 -32.94 -16.38 -6.40
N VAL A 122 -32.20 -16.17 -5.31
CA VAL A 122 -32.76 -15.48 -4.16
C VAL A 122 -32.64 -14.03 -4.49
N PRO A 123 -33.73 -13.25 -4.47
CA PRO A 123 -33.67 -11.84 -4.75
C PRO A 123 -32.99 -11.06 -3.63
N VAL A 124 -32.29 -9.98 -4.02
CA VAL A 124 -31.53 -9.13 -3.14
C VAL A 124 -32.26 -7.83 -3.27
N LEU A 125 -32.67 -7.26 -2.15
CA LEU A 125 -33.37 -5.99 -2.05
C LEU A 125 -32.39 -5.02 -1.35
N ASN A 126 -32.02 -3.92 -1.99
CA ASN A 126 -31.06 -2.97 -1.48
C ASN A 126 -31.60 -1.93 -0.52
N ALA A 127 -31.21 -2.09 0.76
CA ALA A 127 -31.61 -1.14 1.79
C ALA A 127 -30.66 0.06 1.97
N GLY A 128 -29.68 0.23 1.07
CA GLY A 128 -28.81 1.37 0.94
C GLY A 128 -27.43 0.84 0.73
N ASP A 129 -26.72 1.20 -0.32
CA ASP A 129 -25.32 0.76 -0.46
C ASP A 129 -24.40 1.95 -0.56
N GLY A 130 -23.82 2.24 0.60
CA GLY A 130 -22.89 3.34 0.72
C GLY A 130 -23.57 4.61 0.25
N SER A 131 -22.89 5.39 -0.56
CA SER A 131 -23.48 6.64 -1.01
C SER A 131 -24.11 6.49 -2.41
N ASN A 132 -24.38 5.26 -2.84
CA ASN A 132 -24.93 5.07 -4.15
C ASN A 132 -26.45 5.19 -4.12
N GLN A 133 -27.20 4.11 -3.92
CA GLN A 133 -28.65 4.07 -4.05
C GLN A 133 -29.35 3.68 -2.76
N HIS A 134 -30.65 3.89 -2.75
CA HIS A 134 -31.50 3.54 -1.65
C HIS A 134 -32.86 3.43 -2.34
N PRO A 135 -33.18 2.40 -3.16
CA PRO A 135 -34.44 2.29 -3.87
C PRO A 135 -35.68 2.22 -3.04
N THR A 136 -35.76 1.53 -1.88
CA THR A 136 -37.03 1.54 -1.13
C THR A 136 -37.34 2.87 -0.44
N GLN A 137 -36.37 3.80 -0.36
CA GLN A 137 -36.57 5.09 0.27
C GLN A 137 -37.39 5.82 -0.75
N THR A 138 -36.95 5.80 -2.00
CA THR A 138 -37.67 6.44 -3.07
C THR A 138 -39.07 5.87 -3.24
N LEU A 139 -39.32 4.59 -3.01
CA LEU A 139 -40.68 4.08 -3.14
C LEU A 139 -41.57 4.68 -2.06
N LEU A 140 -41.17 4.89 -0.80
CA LEU A 140 -42.04 5.53 0.18
C LEU A 140 -42.02 7.03 -0.08
N ASP A 141 -40.94 7.67 -0.54
CA ASP A 141 -40.95 9.10 -0.85
C ASP A 141 -41.96 9.37 -1.93
N LEU A 142 -42.01 8.55 -2.99
CA LEU A 142 -42.97 8.71 -4.09
C LEU A 142 -44.37 8.44 -3.64
N PHE A 143 -44.62 7.43 -2.83
CA PHE A 143 -45.94 7.18 -2.29
C PHE A 143 -46.32 8.41 -1.50
N THR A 144 -45.52 9.00 -0.61
CA THR A 144 -45.90 10.18 0.14
C THR A 144 -46.16 11.40 -0.73
N ILE A 145 -45.38 11.60 -1.81
CA ILE A 145 -45.57 12.70 -2.75
C ILE A 145 -46.91 12.51 -3.47
N GLN A 146 -47.15 11.37 -4.12
CA GLN A 146 -48.41 11.06 -4.80
C GLN A 146 -49.58 11.27 -3.86
N GLN A 147 -49.44 10.77 -2.65
CA GLN A 147 -50.42 10.96 -1.61
C GLN A 147 -50.55 12.43 -1.26
N THR A 148 -49.57 13.35 -1.21
CA THR A 148 -49.93 14.71 -0.84
C THR A 148 -50.13 15.75 -1.94
N GLU A 149 -49.71 15.41 -3.14
CA GLU A 149 -49.82 16.26 -4.31
C GLU A 149 -50.78 15.75 -5.37
N GLY A 150 -51.21 14.48 -5.28
CA GLY A 150 -52.05 13.88 -6.30
C GLY A 150 -51.29 13.43 -7.53
N ARG A 151 -50.19 14.10 -7.90
CA ARG A 151 -49.41 13.78 -9.07
C ARG A 151 -48.00 13.31 -8.71
N LEU A 152 -47.27 12.84 -9.72
CA LEU A 152 -45.83 12.63 -9.65
C LEU A 152 -45.16 13.30 -10.87
N ASP A 153 -46.00 13.84 -11.76
CA ASP A 153 -45.65 14.50 -13.00
C ASP A 153 -45.99 15.95 -12.66
N ASN A 154 -45.21 16.83 -13.23
CA ASN A 154 -45.38 18.28 -13.11
C ASN A 154 -45.35 18.85 -11.70
N LEU A 155 -44.26 18.54 -10.99
CA LEU A 155 -44.03 19.01 -9.63
C LEU A 155 -42.88 19.98 -9.58
N HIS A 156 -42.79 20.82 -8.57
CA HIS A 156 -41.59 21.59 -8.33
C HIS A 156 -40.98 20.96 -7.09
N VAL A 157 -39.82 20.31 -7.25
CA VAL A 157 -39.12 19.70 -6.13
C VAL A 157 -37.69 20.23 -5.92
N ALA A 158 -37.53 20.77 -4.72
CA ALA A 158 -36.27 21.30 -4.26
C ALA A 158 -35.64 20.24 -3.37
N MET A 159 -34.33 20.03 -3.53
CA MET A 159 -33.60 19.08 -2.72
C MET A 159 -32.49 19.92 -2.12
N VAL A 160 -32.43 19.86 -0.78
CA VAL A 160 -31.54 20.71 0.01
C VAL A 160 -30.57 19.86 0.82
N GLY A 161 -29.29 20.20 0.99
CA GLY A 161 -28.39 19.50 1.91
C GLY A 161 -27.20 18.86 1.21
N ASP A 162 -26.87 17.64 1.61
CA ASP A 162 -25.75 16.91 1.03
C ASP A 162 -26.32 16.02 -0.08
N LEU A 163 -26.06 16.46 -1.29
CA LEU A 163 -26.57 15.76 -2.43
C LEU A 163 -25.42 14.93 -2.99
N LYS A 164 -24.16 15.06 -2.57
CA LYS A 164 -23.08 14.25 -3.13
C LYS A 164 -23.13 12.83 -2.59
N TYR A 165 -23.31 12.77 -1.27
CA TYR A 165 -23.36 11.54 -0.54
C TYR A 165 -24.78 11.14 -0.17
N GLY A 166 -25.82 11.95 -0.41
CA GLY A 166 -27.21 11.57 -0.10
C GLY A 166 -27.76 10.50 -1.04
N ARG A 167 -27.69 9.22 -0.66
CA ARG A 167 -28.17 8.18 -1.54
C ARG A 167 -29.66 8.32 -1.80
N THR A 168 -30.39 8.94 -0.89
CA THR A 168 -31.81 9.18 -1.02
C THR A 168 -32.05 10.08 -2.25
N VAL A 169 -31.47 11.29 -2.36
CA VAL A 169 -31.64 12.14 -3.55
C VAL A 169 -31.03 11.49 -4.78
N HIS A 170 -30.03 10.61 -4.78
CA HIS A 170 -29.63 9.93 -6.00
C HIS A 170 -30.82 9.14 -6.50
N SER A 171 -31.41 8.21 -5.74
CA SER A 171 -32.56 7.43 -6.22
C SER A 171 -33.75 8.31 -6.56
N LEU A 172 -34.15 9.21 -5.67
CA LEU A 172 -35.34 9.99 -5.90
C LEU A 172 -35.21 10.91 -7.10
N THR A 173 -34.07 11.54 -7.35
CA THR A 173 -33.96 12.39 -8.53
C THR A 173 -34.15 11.57 -9.80
N GLN A 174 -33.62 10.35 -9.81
CA GLN A 174 -33.78 9.43 -10.92
C GLN A 174 -35.20 8.87 -11.01
N ALA A 175 -35.98 8.77 -9.92
CA ALA A 175 -37.33 8.26 -10.08
C ALA A 175 -38.20 9.38 -10.66
N LEU A 176 -38.14 10.62 -10.19
CA LEU A 176 -39.01 11.69 -10.68
C LEU A 176 -38.65 12.09 -12.10
N ALA A 177 -37.43 11.89 -12.56
CA ALA A 177 -37.06 12.19 -13.94
C ALA A 177 -37.68 11.18 -14.88
N LYS A 178 -38.42 10.18 -14.37
CA LYS A 178 -39.20 9.22 -15.15
C LYS A 178 -40.62 9.70 -15.43
N PHE A 179 -41.08 10.73 -14.74
CA PHE A 179 -42.40 11.25 -14.95
C PHE A 179 -42.21 12.57 -15.69
N ASP A 180 -43.29 13.14 -16.18
CA ASP A 180 -43.15 14.25 -17.10
C ASP A 180 -43.27 15.59 -16.41
N GLY A 181 -42.44 16.51 -16.87
CA GLY A 181 -42.56 17.91 -16.48
C GLY A 181 -42.31 18.28 -15.03
N ASN A 182 -41.36 17.63 -14.38
CA ASN A 182 -41.02 17.94 -13.00
C ASN A 182 -39.88 18.92 -13.08
N ARG A 183 -39.83 19.93 -12.21
CA ARG A 183 -38.76 20.91 -12.22
C ARG A 183 -37.95 20.68 -10.97
N PHE A 184 -36.62 20.75 -11.10
CA PHE A 184 -35.71 20.53 -10.00
C PHE A 184 -34.97 21.78 -9.54
N TYR A 185 -34.88 22.00 -8.22
CA TYR A 185 -34.08 23.06 -7.65
C TYR A 185 -33.13 22.40 -6.67
N PHE A 186 -31.85 22.62 -6.75
CA PHE A 186 -30.87 21.95 -5.92
C PHE A 186 -30.17 22.95 -5.02
N ILE A 187 -30.18 22.79 -3.71
CA ILE A 187 -29.58 23.73 -2.79
C ILE A 187 -28.56 22.98 -1.95
N ALA A 188 -27.28 23.01 -2.30
CA ALA A 188 -26.25 22.30 -1.54
C ALA A 188 -25.00 23.19 -1.45
N PRO A 189 -24.10 23.11 -0.46
CA PRO A 189 -22.76 23.62 -0.57
C PRO A 189 -22.00 23.03 -1.74
N ASP A 190 -21.17 23.79 -2.47
CA ASP A 190 -20.42 23.34 -3.66
C ASP A 190 -19.71 22.03 -3.49
N ALA A 191 -19.22 21.78 -2.28
CA ALA A 191 -18.50 20.53 -2.01
C ALA A 191 -19.39 19.29 -1.91
N LEU A 192 -20.68 19.49 -1.59
CA LEU A 192 -21.62 18.41 -1.44
C LEU A 192 -22.71 18.51 -2.51
N ALA A 193 -22.38 19.04 -3.68
CA ALA A 193 -23.33 19.19 -4.78
C ALA A 193 -23.68 17.90 -5.54
N MET A 194 -24.81 17.92 -6.28
CA MET A 194 -25.27 16.78 -7.08
C MET A 194 -24.18 16.21 -7.96
N PRO A 195 -24.03 14.89 -8.04
CA PRO A 195 -23.05 14.26 -8.88
C PRO A 195 -23.39 14.54 -10.32
N GLU A 196 -22.35 14.82 -11.09
CA GLU A 196 -22.44 15.08 -12.51
C GLU A 196 -23.34 14.10 -13.24
N TYR A 197 -23.14 12.80 -13.00
CA TYR A 197 -23.92 11.81 -13.70
C TYR A 197 -25.41 11.96 -13.54
N ILE A 198 -25.96 12.56 -12.46
CA ILE A 198 -27.40 12.75 -12.40
C ILE A 198 -27.76 13.99 -13.21
N LEU A 199 -26.93 15.05 -13.21
CA LEU A 199 -27.23 16.29 -13.93
C LEU A 199 -27.21 16.00 -15.43
N ASP A 200 -26.16 15.36 -15.99
CA ASP A 200 -26.14 14.82 -17.36
C ASP A 200 -27.45 14.17 -17.74
N MET A 201 -27.90 13.26 -16.88
CA MET A 201 -29.09 12.49 -17.16
C MET A 201 -30.28 13.41 -17.23
N LEU A 202 -30.30 14.45 -16.39
CA LEU A 202 -31.37 15.42 -16.42
C LEU A 202 -31.30 16.16 -17.73
N ASP A 203 -30.11 16.55 -18.15
CA ASP A 203 -29.91 17.22 -19.42
C ASP A 203 -30.28 16.36 -20.63
N GLU A 204 -29.79 15.15 -20.92
CA GLU A 204 -30.22 14.45 -22.10
C GLU A 204 -31.71 14.16 -22.05
N LYS A 205 -32.35 14.04 -20.89
CA LYS A 205 -33.78 13.89 -20.88
C LYS A 205 -34.56 15.20 -20.99
N GLY A 206 -33.83 16.29 -21.13
CA GLY A 206 -34.37 17.63 -21.28
C GLY A 206 -35.05 18.18 -20.02
N ILE A 207 -34.67 17.74 -18.82
CA ILE A 207 -35.34 18.19 -17.61
C ILE A 207 -34.71 19.47 -17.06
N ALA A 208 -35.56 20.37 -16.56
CA ALA A 208 -35.14 21.66 -16.08
C ALA A 208 -34.75 21.63 -14.61
N TRP A 209 -33.48 21.87 -14.35
CA TRP A 209 -33.00 21.90 -12.99
C TRP A 209 -32.18 23.17 -12.71
N SER A 210 -32.05 23.73 -11.52
CA SER A 210 -31.25 24.93 -11.34
C SER A 210 -30.66 24.96 -9.95
N LEU A 211 -29.50 25.59 -9.79
CA LEU A 211 -28.84 25.72 -8.49
C LEU A 211 -29.36 26.97 -7.81
N HIS A 212 -29.47 27.03 -6.48
CA HIS A 212 -30.05 28.16 -5.80
C HIS A 212 -29.29 28.29 -4.52
N SER A 213 -29.08 29.49 -3.99
CA SER A 213 -28.29 29.61 -2.78
C SER A 213 -29.13 29.73 -1.53
N SER A 214 -30.45 29.65 -1.58
CA SER A 214 -31.20 29.77 -0.37
C SER A 214 -32.50 29.05 -0.54
N ILE A 215 -33.13 28.72 0.58
CA ILE A 215 -34.39 28.02 0.52
C ILE A 215 -35.39 29.10 0.15
N GLU A 216 -35.27 30.27 0.75
CA GLU A 216 -36.17 31.39 0.54
C GLU A 216 -36.33 31.76 -0.92
N GLU A 217 -35.28 31.78 -1.75
CA GLU A 217 -35.49 32.13 -3.14
C GLU A 217 -36.33 31.12 -3.93
N VAL A 218 -36.65 29.92 -3.39
CA VAL A 218 -37.54 29.00 -4.09
C VAL A 218 -38.72 28.61 -3.24
N MET A 219 -38.81 29.10 -2.01
CA MET A 219 -39.89 28.74 -1.09
C MET A 219 -41.29 28.90 -1.65
N ALA A 220 -41.53 29.94 -2.44
CA ALA A 220 -42.86 30.19 -3.00
C ALA A 220 -43.23 29.31 -4.19
N GLU A 221 -42.28 28.76 -4.96
CA GLU A 221 -42.68 27.95 -6.08
C GLU A 221 -42.56 26.46 -5.86
N VAL A 222 -41.97 25.99 -4.78
CA VAL A 222 -41.86 24.55 -4.58
C VAL A 222 -43.09 23.97 -3.93
N ASP A 223 -43.31 22.71 -4.33
CA ASP A 223 -44.41 21.85 -3.91
C ASP A 223 -43.85 20.83 -2.91
N ILE A 224 -42.68 20.26 -3.20
CA ILE A 224 -42.01 19.34 -2.29
C ILE A 224 -40.71 20.02 -1.94
N LEU A 225 -40.43 20.22 -0.65
CA LEU A 225 -39.14 20.71 -0.16
C LEU A 225 -38.60 19.45 0.52
N TYR A 226 -37.60 18.80 -0.09
CA TYR A 226 -37.07 17.54 0.41
C TYR A 226 -35.72 17.89 1.00
N MET A 227 -35.67 17.86 2.32
CA MET A 227 -34.48 18.16 3.09
C MET A 227 -33.61 16.93 3.37
N THR A 228 -32.29 16.99 3.28
CA THR A 228 -31.47 15.86 3.68
C THR A 228 -30.48 16.23 4.81
N ARG A 229 -29.64 15.32 5.33
CA ARG A 229 -28.77 15.56 6.45
C ARG A 229 -27.35 15.37 5.93
N VAL A 230 -26.31 16.12 6.28
CA VAL A 230 -24.96 15.94 5.80
C VAL A 230 -24.52 14.54 6.19
N GLN A 231 -24.02 13.73 5.26
CA GLN A 231 -23.62 12.36 5.56
C GLN A 231 -22.27 12.41 6.24
N LYS A 232 -22.19 12.84 7.51
CA LYS A 232 -20.88 13.00 8.15
C LYS A 232 -20.05 11.74 8.17
N GLU A 233 -20.64 10.56 8.22
CA GLU A 233 -19.95 9.28 8.20
C GLU A 233 -19.16 9.13 6.90
N ARG A 234 -19.61 9.81 5.84
CA ARG A 234 -19.08 9.58 4.51
C ARG A 234 -18.12 10.66 4.05
N LEU A 235 -18.01 11.74 4.82
CA LEU A 235 -17.18 12.87 4.43
C LEU A 235 -15.72 12.52 4.51
N ASP A 236 -15.01 13.14 3.58
CA ASP A 236 -13.56 13.09 3.65
C ASP A 236 -13.04 14.16 4.63
N PRO A 237 -11.88 14.09 5.33
CA PRO A 237 -11.32 15.22 6.07
C PRO A 237 -11.34 16.54 5.34
N SER A 238 -11.00 16.60 4.06
CA SER A 238 -11.15 17.80 3.24
C SER A 238 -12.50 18.51 3.41
N GLU A 239 -13.55 17.71 3.50
CA GLU A 239 -14.89 18.21 3.51
C GLU A 239 -15.36 18.53 4.89
N TYR A 240 -14.55 18.43 5.93
CA TYR A 240 -15.06 18.61 7.26
C TYR A 240 -15.52 20.00 7.56
N ALA A 241 -15.24 20.95 6.68
CA ALA A 241 -15.84 22.27 6.83
C ALA A 241 -17.39 22.24 6.74
N ASN A 242 -17.92 21.23 6.05
CA ASN A 242 -19.35 21.10 5.75
C ASN A 242 -20.15 20.24 6.72
N VAL A 243 -19.61 19.90 7.87
CA VAL A 243 -20.33 19.08 8.82
C VAL A 243 -21.57 19.77 9.36
N LYS A 244 -21.53 21.08 9.61
CA LYS A 244 -22.73 21.77 10.09
C LYS A 244 -23.67 22.01 8.92
N ALA A 245 -24.97 22.12 9.18
CA ALA A 245 -25.94 22.41 8.13
C ALA A 245 -25.84 23.88 7.78
N GLN A 246 -25.71 24.12 6.49
CA GLN A 246 -25.73 25.47 5.99
C GLN A 246 -27.16 25.99 5.86
N PHE A 247 -28.10 25.15 5.48
CA PHE A 247 -29.44 25.64 5.23
C PHE A 247 -30.19 24.97 6.33
N VAL A 248 -30.79 25.78 7.21
CA VAL A 248 -31.56 25.28 8.34
C VAL A 248 -32.98 25.84 8.15
N LEU A 249 -34.05 25.05 8.27
CA LEU A 249 -35.40 25.49 8.02
C LEU A 249 -36.04 25.70 9.36
N ARG A 250 -36.68 26.83 9.54
CA ARG A 250 -37.34 27.19 10.77
C ARG A 250 -38.76 27.44 10.32
N ALA A 251 -39.78 27.41 11.15
CA ALA A 251 -41.15 27.63 10.70
C ALA A 251 -41.49 28.98 10.02
N SER A 252 -40.80 30.06 10.41
CA SER A 252 -40.95 31.36 9.81
C SER A 252 -40.76 31.38 8.30
N ASP A 253 -39.89 30.54 7.75
CA ASP A 253 -39.58 30.53 6.32
C ASP A 253 -40.73 29.94 5.56
N LEU A 254 -41.54 29.17 6.26
CA LEU A 254 -42.69 28.57 5.65
C LEU A 254 -43.82 29.57 5.54
N HIS A 255 -43.67 30.83 5.97
CA HIS A 255 -44.78 31.76 5.97
C HIS A 255 -45.17 32.34 4.61
N ASN A 256 -44.66 31.78 3.52
CA ASN A 256 -45.02 32.19 2.18
C ASN A 256 -44.84 31.01 1.27
N ALA A 257 -45.03 29.84 1.87
CA ALA A 257 -44.87 28.59 1.17
C ALA A 257 -46.23 28.28 0.56
N LYS A 258 -46.21 27.59 -0.56
CA LYS A 258 -47.44 27.21 -1.21
C LYS A 258 -48.24 26.33 -0.25
N ALA A 259 -49.54 26.56 -0.12
CA ALA A 259 -50.40 25.83 0.79
C ALA A 259 -50.45 24.32 0.65
N ASN A 260 -50.06 23.80 -0.52
CA ASN A 260 -49.99 22.35 -0.73
C ASN A 260 -48.61 21.83 -0.37
N MET A 261 -47.58 22.69 -0.47
CA MET A 261 -46.22 22.27 -0.22
C MET A 261 -46.04 21.60 1.13
N LYS A 262 -45.36 20.46 1.05
CA LYS A 262 -44.94 19.68 2.21
C LYS A 262 -43.42 19.65 2.34
N VAL A 263 -42.92 19.44 3.57
CA VAL A 263 -41.50 19.32 3.87
C VAL A 263 -41.29 17.84 4.17
N LEU A 264 -40.43 17.22 3.39
CA LEU A 264 -40.09 15.82 3.49
C LEU A 264 -38.64 15.77 3.97
N HIS A 265 -38.26 14.68 4.63
CA HIS A 265 -36.88 14.49 5.08
C HIS A 265 -36.77 12.97 5.23
N PRO A 266 -35.78 12.22 4.68
CA PRO A 266 -35.63 10.79 4.88
C PRO A 266 -35.43 10.35 6.35
N LEU A 267 -34.76 11.27 7.09
CA LEU A 267 -34.49 11.23 8.55
C LEU A 267 -33.27 10.31 8.72
N PRO A 268 -32.39 10.40 9.69
CA PRO A 268 -32.42 11.28 10.82
C PRO A 268 -32.17 12.70 10.40
N ARG A 269 -32.72 13.67 11.15
CA ARG A 269 -32.40 15.07 10.93
C ARG A 269 -31.47 15.50 12.06
N VAL A 270 -30.49 16.39 11.90
CA VAL A 270 -29.75 16.86 13.08
C VAL A 270 -30.11 18.35 13.18
N ASP A 271 -29.41 19.39 12.69
CA ASP A 271 -29.86 20.75 12.89
C ASP A 271 -30.61 21.34 11.71
N GLU A 272 -30.65 20.72 10.56
CA GLU A 272 -31.28 21.36 9.43
C GLU A 272 -32.78 21.56 9.49
N ILE A 273 -33.63 20.85 10.24
CA ILE A 273 -35.05 21.13 10.30
C ILE A 273 -35.30 21.36 11.77
N ALA A 274 -35.56 22.61 12.13
CA ALA A 274 -35.84 23.02 13.49
C ALA A 274 -37.11 22.36 13.96
N THR A 275 -37.30 22.11 15.26
CA THR A 275 -38.49 21.43 15.78
C THR A 275 -39.78 22.23 15.80
N ASP A 276 -39.77 23.54 15.48
CA ASP A 276 -40.98 24.35 15.49
C ASP A 276 -41.72 24.08 14.17
N VAL A 277 -41.01 23.71 13.10
CA VAL A 277 -41.59 23.26 11.84
C VAL A 277 -42.50 22.06 12.12
N ASP A 278 -42.18 21.25 13.13
CA ASP A 278 -42.93 20.05 13.47
C ASP A 278 -44.38 20.24 13.75
N LYS A 279 -44.75 21.43 14.22
CA LYS A 279 -46.13 21.71 14.52
C LYS A 279 -46.81 22.40 13.34
N THR A 280 -46.15 22.65 12.20
CA THR A 280 -46.79 23.42 11.16
C THR A 280 -47.44 22.48 10.16
N PRO A 281 -48.51 22.86 9.44
CA PRO A 281 -49.15 22.06 8.39
C PRO A 281 -48.29 21.53 7.24
N HIS A 282 -47.12 22.12 7.01
CA HIS A 282 -46.31 21.67 5.90
C HIS A 282 -45.46 20.48 6.28
N ALA A 283 -45.28 20.20 7.57
CA ALA A 283 -44.41 19.14 8.04
C ALA A 283 -44.98 17.78 7.71
N TRP A 284 -44.30 16.96 6.87
CA TRP A 284 -44.81 15.63 6.56
C TRP A 284 -43.82 14.49 6.71
N TYR A 285 -42.63 14.73 7.28
CA TYR A 285 -41.65 13.67 7.45
C TYR A 285 -42.08 12.54 8.39
N PHE A 286 -42.88 12.70 9.45
CA PHE A 286 -43.19 11.49 10.21
C PHE A 286 -44.26 10.68 9.56
N GLN A 287 -45.06 11.33 8.73
CA GLN A 287 -46.11 10.68 7.95
C GLN A 287 -45.37 9.87 6.90
N GLN A 288 -44.41 10.54 6.28
CA GLN A 288 -43.52 9.95 5.32
C GLN A 288 -42.88 8.70 5.90
N ALA A 289 -42.30 8.75 7.11
CA ALA A 289 -41.69 7.60 7.72
C ALA A 289 -42.69 6.44 7.81
N GLY A 290 -43.91 6.72 8.25
CA GLY A 290 -44.95 5.71 8.34
C GLY A 290 -45.28 5.02 7.01
N ASN A 291 -45.17 5.74 5.90
CA ASN A 291 -45.50 5.16 4.61
C ASN A 291 -44.47 4.17 4.14
N GLY A 292 -43.35 4.08 4.86
CA GLY A 292 -42.36 3.07 4.62
C GLY A 292 -42.97 1.68 4.80
N ILE A 293 -43.89 1.53 5.74
CA ILE A 293 -44.47 0.24 5.96
C ILE A 293 -45.24 -0.22 4.71
N PHE A 294 -45.98 0.68 4.04
CA PHE A 294 -46.82 0.29 2.92
C PHE A 294 -46.05 0.06 1.64
N ALA A 295 -45.02 0.86 1.36
CA ALA A 295 -44.20 0.63 0.18
C ALA A 295 -43.31 -0.58 0.38
N ARG A 296 -42.84 -0.84 1.60
CA ARG A 296 -41.96 -1.99 1.74
C ARG A 296 -42.77 -3.28 1.74
N GLN A 297 -43.97 -3.26 2.32
CA GLN A 297 -44.89 -4.37 2.26
C GLN A 297 -45.26 -4.69 0.80
N ALA A 298 -45.55 -3.66 -0.01
CA ALA A 298 -45.89 -3.86 -1.41
C ALA A 298 -44.76 -4.44 -2.20
N LEU A 299 -43.55 -3.96 -1.94
CA LEU A 299 -42.40 -4.44 -2.66
C LEU A 299 -42.15 -5.92 -2.36
N LEU A 300 -42.19 -6.34 -1.10
CA LEU A 300 -41.97 -7.72 -0.73
C LEU A 300 -43.02 -8.62 -1.34
N ALA A 301 -44.26 -8.14 -1.36
CA ALA A 301 -45.39 -8.86 -1.93
C ALA A 301 -45.16 -9.14 -3.41
N LEU A 302 -44.75 -8.13 -4.16
CA LEU A 302 -44.49 -8.30 -5.57
C LEU A 302 -43.28 -9.17 -5.84
N VAL A 303 -42.17 -9.06 -5.13
CA VAL A 303 -40.97 -9.81 -5.49
C VAL A 303 -41.12 -11.27 -5.09
N LEU A 304 -41.92 -11.55 -4.07
CA LEU A 304 -42.05 -12.91 -3.60
C LEU A 304 -43.33 -13.68 -3.93
N ASN A 305 -44.41 -13.00 -4.36
CA ASN A 305 -45.63 -13.67 -4.74
C ASN A 305 -45.83 -13.52 -6.24
N ARG A 306 -46.10 -14.64 -6.88
CA ARG A 306 -46.23 -14.70 -8.33
C ARG A 306 -47.32 -13.84 -8.89
N ASP A 307 -48.42 -13.90 -8.14
CA ASP A 307 -49.69 -13.32 -8.50
C ASP A 307 -49.62 -11.81 -8.37
N LEU A 308 -50.75 -11.14 -8.18
CA LEU A 308 -50.76 -9.71 -8.07
C LEU A 308 -51.92 -9.50 -7.12
N VAL A 309 -51.58 -8.78 -6.05
CA VAL A 309 -52.56 -8.31 -5.07
C VAL A 309 -53.53 -7.45 -5.91
N LEU A 310 -54.57 -8.24 -6.15
CA LEU A 310 -55.76 -7.99 -6.95
C LEU A 310 -56.07 -6.53 -7.28
N GLY B 8 5.45 -2.40 -43.08
CA GLY B 8 6.87 -2.66 -43.18
C GLY B 8 7.21 -3.62 -42.03
N VAL B 9 8.50 -3.88 -41.76
CA VAL B 9 9.02 -4.76 -40.69
C VAL B 9 8.62 -6.23 -40.86
N GLU B 10 9.49 -7.14 -40.46
CA GLU B 10 9.32 -8.59 -40.39
C GLU B 10 8.03 -9.30 -40.86
N ALA B 11 8.24 -10.40 -41.60
CA ALA B 11 7.16 -11.17 -42.25
C ALA B 11 6.32 -12.04 -41.32
N ILE B 12 5.19 -12.59 -41.78
CA ILE B 12 4.31 -13.36 -40.94
C ILE B 12 3.37 -14.22 -41.79
N LYS B 13 3.09 -15.44 -41.35
CA LYS B 13 2.18 -16.31 -42.07
C LYS B 13 0.75 -16.14 -41.60
N ARG B 14 0.49 -16.51 -40.36
CA ARG B 14 -0.85 -16.52 -39.84
C ARG B 14 -0.86 -15.69 -38.58
N GLY B 15 -1.88 -14.89 -38.30
CA GLY B 15 -1.96 -14.15 -37.05
C GLY B 15 -2.66 -12.82 -37.23
N THR B 16 -2.31 -11.86 -36.36
CA THR B 16 -2.89 -10.54 -36.39
C THR B 16 -1.77 -9.50 -36.52
N VAL B 17 -2.01 -8.42 -37.23
CA VAL B 17 -1.08 -7.32 -37.28
C VAL B 17 -1.92 -6.06 -37.07
N ILE B 18 -1.72 -5.47 -35.90
CA ILE B 18 -2.42 -4.27 -35.47
C ILE B 18 -1.56 -3.12 -35.99
N ASP B 19 -2.04 -2.50 -37.05
CA ASP B 19 -1.31 -1.41 -37.65
C ASP B 19 -2.04 -0.13 -37.31
N HIS B 20 -1.35 0.98 -37.54
CA HIS B 20 -1.80 2.36 -37.34
C HIS B 20 -1.98 2.84 -35.90
N ILE B 21 -1.35 2.17 -34.94
CA ILE B 21 -1.48 2.53 -33.53
C ILE B 21 -0.85 3.90 -33.37
N PRO B 22 -1.48 4.88 -32.72
CA PRO B 22 -0.90 6.16 -32.50
C PRO B 22 0.35 6.00 -31.64
N ALA B 23 1.30 6.88 -31.93
CA ALA B 23 2.58 6.93 -31.26
C ALA B 23 2.46 7.00 -29.75
N GLN B 24 3.30 6.16 -29.14
CA GLN B 24 3.51 5.98 -27.70
C GLN B 24 2.38 5.24 -26.99
N ILE B 25 1.45 4.77 -27.81
CA ILE B 25 0.32 4.02 -27.35
C ILE B 25 0.59 2.54 -27.58
N GLY B 26 1.42 2.16 -28.55
CA GLY B 26 1.72 0.76 -28.84
C GLY B 26 2.20 0.03 -27.61
N PHE B 27 3.04 0.68 -26.81
CA PHE B 27 3.53 0.12 -25.55
C PHE B 27 2.43 -0.19 -24.53
N LYS B 28 1.58 0.82 -24.31
CA LYS B 28 0.43 0.78 -23.41
C LYS B 28 -0.41 -0.44 -23.74
N LEU B 29 -0.65 -0.62 -25.03
CA LEU B 29 -1.45 -1.74 -25.48
C LEU B 29 -0.73 -3.06 -25.28
N LEU B 30 0.59 -3.18 -25.37
CA LEU B 30 1.26 -4.46 -25.11
C LEU B 30 1.03 -4.94 -23.68
N SER B 31 0.99 -3.95 -22.81
CA SER B 31 0.80 -4.16 -21.38
C SER B 31 -0.64 -4.38 -20.91
N LEU B 32 -1.51 -3.41 -21.19
CA LEU B 32 -2.92 -3.41 -20.80
C LEU B 32 -3.71 -4.64 -21.19
N PHE B 33 -3.64 -5.09 -22.44
CA PHE B 33 -4.36 -6.29 -22.81
C PHE B 33 -3.37 -7.45 -22.83
N LYS B 34 -2.30 -7.43 -22.03
CA LYS B 34 -1.35 -8.54 -21.90
C LYS B 34 -0.81 -9.26 -23.14
N LEU B 35 -0.84 -8.59 -24.29
CA LEU B 35 -0.53 -9.17 -25.59
C LEU B 35 0.82 -9.86 -25.70
N THR B 36 1.74 -9.47 -24.84
CA THR B 36 3.11 -10.01 -24.81
C THR B 36 3.25 -11.33 -24.05
N GLU B 37 2.30 -11.71 -23.20
CA GLU B 37 2.43 -12.91 -22.37
C GLU B 37 2.04 -14.11 -23.23
N THR B 38 2.93 -14.47 -24.14
CA THR B 38 2.70 -15.53 -25.11
C THR B 38 4.04 -16.19 -25.37
N ASP B 39 3.93 -17.36 -25.97
CA ASP B 39 5.05 -18.15 -26.40
C ASP B 39 5.28 -17.93 -27.89
N GLN B 40 4.47 -17.06 -28.53
CA GLN B 40 4.69 -16.69 -29.92
C GLN B 40 5.47 -15.40 -30.12
N ARG B 41 5.85 -15.33 -31.39
CA ARG B 41 6.66 -14.28 -31.94
C ARG B 41 5.83 -13.01 -32.21
N ILE B 42 6.19 -11.94 -31.53
CA ILE B 42 5.55 -10.66 -31.75
C ILE B 42 6.69 -9.77 -32.22
N THR B 43 6.39 -8.87 -33.14
CA THR B 43 7.36 -7.87 -33.54
C THR B 43 6.65 -6.56 -33.33
N ILE B 44 7.28 -5.57 -32.70
CA ILE B 44 6.66 -4.29 -32.41
C ILE B 44 7.55 -3.28 -33.13
N GLY B 45 6.99 -2.29 -33.81
CA GLY B 45 7.75 -1.24 -34.44
C GLY B 45 7.34 0.06 -33.77
N LEU B 46 8.13 0.56 -32.84
CA LEU B 46 7.78 1.76 -32.12
C LEU B 46 8.29 2.99 -32.85
N ASN B 47 7.50 4.06 -32.83
CA ASN B 47 7.85 5.34 -33.43
C ASN B 47 8.22 5.33 -34.90
N LEU B 48 7.85 4.30 -35.66
CA LEU B 48 8.23 4.24 -37.06
C LEU B 48 7.32 5.06 -38.00
N PRO B 49 7.90 5.84 -38.95
CA PRO B 49 7.19 6.71 -39.87
C PRO B 49 6.01 6.10 -40.60
N SER B 50 4.96 6.87 -40.53
CA SER B 50 3.75 6.46 -41.14
C SER B 50 3.54 7.17 -42.46
N GLY B 51 3.44 8.50 -42.40
CA GLY B 51 3.12 9.32 -43.56
C GLY B 51 1.73 9.89 -43.34
N GLU B 52 0.69 9.04 -43.45
CA GLU B 52 -0.73 9.39 -43.26
C GLU B 52 -1.02 10.32 -42.10
N MET B 53 -0.51 9.99 -40.92
CA MET B 53 -0.57 10.91 -39.81
C MET B 53 0.83 10.90 -39.20
N GLY B 54 1.81 11.32 -40.01
CA GLY B 54 3.20 11.49 -39.56
C GLY B 54 3.95 10.23 -39.12
N ARG B 55 3.74 9.78 -37.89
CA ARG B 55 4.48 8.67 -37.30
C ARG B 55 3.55 7.65 -36.65
N LYS B 56 3.68 6.36 -36.96
CA LYS B 56 2.86 5.35 -36.31
C LYS B 56 3.72 4.45 -35.42
N ASP B 57 3.10 3.45 -34.82
CA ASP B 57 3.68 2.50 -33.90
C ASP B 57 2.96 1.21 -34.31
N LEU B 58 3.44 -0.03 -34.30
CA LEU B 58 2.58 -1.18 -34.66
C LEU B 58 3.04 -2.58 -34.24
N ILE B 59 2.10 -3.52 -34.12
CA ILE B 59 2.39 -4.83 -33.51
C ILE B 59 2.02 -5.97 -34.43
N LYS B 60 2.92 -6.91 -34.75
CA LYS B 60 2.57 -8.09 -35.54
C LYS B 60 2.60 -9.23 -34.51
N ILE B 61 1.43 -9.78 -34.17
CA ILE B 61 1.33 -10.89 -33.23
C ILE B 61 1.10 -12.12 -34.11
N GLU B 62 2.08 -13.01 -34.18
CA GLU B 62 1.99 -14.17 -35.04
C GLU B 62 1.26 -15.35 -34.42
N ASN B 63 0.34 -15.93 -35.21
CA ASN B 63 -0.49 -17.11 -34.94
C ASN B 63 -1.58 -16.93 -33.90
N THR B 64 -1.87 -15.69 -33.54
CA THR B 64 -2.93 -15.39 -32.60
C THR B 64 -3.90 -14.50 -33.35
N PHE B 65 -5.19 -14.68 -33.17
CA PHE B 65 -6.16 -13.88 -33.90
C PHE B 65 -7.00 -13.19 -32.83
N LEU B 66 -7.48 -11.97 -33.03
CA LEU B 66 -8.32 -11.34 -32.03
C LEU B 66 -9.80 -11.56 -32.38
N SER B 67 -10.70 -11.56 -31.39
CA SER B 67 -12.14 -11.61 -31.66
C SER B 67 -12.53 -10.18 -32.04
N GLU B 68 -13.80 -9.96 -32.36
CA GLU B 68 -14.27 -8.61 -32.64
C GLU B 68 -14.11 -7.87 -31.32
N ASP B 69 -14.73 -8.47 -30.32
CA ASP B 69 -14.74 -8.02 -28.95
C ASP B 69 -13.37 -7.55 -28.44
N GLN B 70 -12.26 -8.27 -28.66
CA GLN B 70 -10.94 -7.75 -28.25
C GLN B 70 -10.64 -6.48 -29.00
N VAL B 71 -10.71 -6.60 -30.33
CA VAL B 71 -10.42 -5.50 -31.24
C VAL B 71 -11.15 -4.22 -30.81
N ASP B 72 -12.42 -4.28 -30.43
CA ASP B 72 -13.21 -3.12 -30.03
C ASP B 72 -12.69 -2.45 -28.80
N GLN B 73 -12.18 -3.27 -27.86
CA GLN B 73 -11.58 -2.75 -26.63
C GLN B 73 -10.46 -1.75 -26.94
N LEU B 74 -9.77 -1.87 -28.08
CA LEU B 74 -8.71 -0.94 -28.46
C LEU B 74 -9.23 0.44 -28.78
N ALA B 75 -10.53 0.63 -29.04
CA ALA B 75 -11.04 1.95 -29.37
C ALA B 75 -10.89 3.01 -28.28
N LEU B 76 -10.62 2.72 -27.01
CA LEU B 76 -10.43 3.79 -26.04
C LEU B 76 -9.01 4.36 -26.06
N TYR B 77 -8.11 3.66 -26.76
CA TYR B 77 -6.70 4.04 -26.85
C TYR B 77 -6.33 4.44 -28.27
N ALA B 78 -6.55 3.50 -29.19
CA ALA B 78 -6.20 3.64 -30.58
C ALA B 78 -7.47 3.57 -31.45
N PRO B 79 -8.34 4.59 -31.50
CA PRO B 79 -9.68 4.49 -32.08
C PRO B 79 -9.74 4.08 -33.55
N GLN B 80 -8.72 4.60 -34.25
CA GLN B 80 -8.55 4.42 -35.66
C GLN B 80 -7.56 3.30 -36.03
N ALA B 81 -7.19 2.42 -35.11
CA ALA B 81 -6.25 1.35 -35.41
C ALA B 81 -6.83 0.47 -36.48
N THR B 82 -6.03 -0.38 -37.10
CA THR B 82 -6.59 -1.18 -38.14
C THR B 82 -6.04 -2.56 -37.92
N VAL B 83 -6.95 -3.37 -37.42
CA VAL B 83 -6.62 -4.75 -37.11
C VAL B 83 -6.56 -5.50 -38.44
N ASN B 84 -5.81 -6.59 -38.59
CA ASN B 84 -5.71 -7.28 -39.86
C ASN B 84 -5.33 -8.70 -39.56
N ARG B 85 -6.09 -9.61 -40.14
CA ARG B 85 -5.78 -11.02 -40.00
C ARG B 85 -5.37 -11.47 -41.36
N ILE B 86 -4.31 -12.25 -41.27
CA ILE B 86 -3.64 -12.78 -42.42
C ILE B 86 -3.51 -14.27 -42.19
N ASP B 87 -4.26 -15.00 -43.00
CA ASP B 87 -4.23 -16.44 -42.91
C ASP B 87 -3.32 -16.69 -44.08
N ASN B 88 -2.34 -17.56 -43.83
CA ASN B 88 -1.25 -17.82 -44.74
C ASN B 88 -0.90 -16.68 -45.71
N TYR B 89 -0.33 -15.68 -45.07
CA TYR B 89 0.20 -14.46 -45.66
C TYR B 89 -0.84 -13.52 -46.25
N GLU B 90 -1.93 -13.87 -46.95
CA GLU B 90 -2.80 -12.84 -47.53
C GLU B 90 -3.84 -12.33 -46.54
N VAL B 91 -4.14 -11.05 -46.74
CA VAL B 91 -5.10 -10.35 -45.90
C VAL B 91 -6.49 -10.89 -46.19
N VAL B 92 -6.97 -11.41 -45.10
CA VAL B 92 -8.29 -11.93 -45.07
C VAL B 92 -9.18 -10.77 -44.64
N GLY B 93 -9.10 -10.32 -43.39
CA GLY B 93 -10.01 -9.31 -42.93
C GLY B 93 -9.25 -8.18 -42.30
N LYS B 94 -9.55 -6.95 -42.72
CA LYS B 94 -8.97 -5.74 -42.16
C LYS B 94 -10.19 -5.29 -41.37
N SER B 95 -9.95 -5.11 -40.09
CA SER B 95 -11.00 -4.74 -39.15
C SER B 95 -10.63 -3.38 -38.53
N ARG B 96 -11.40 -2.88 -37.60
CA ARG B 96 -11.13 -1.61 -36.92
C ARG B 96 -11.95 -1.58 -35.63
N PRO B 97 -11.42 -1.10 -34.51
CA PRO B 97 -12.19 -0.80 -33.31
C PRO B 97 -13.46 0.06 -33.42
N SER B 98 -14.51 -0.38 -32.71
CA SER B 98 -15.76 0.35 -32.46
C SER B 98 -15.88 0.34 -30.94
N LEU B 99 -16.18 1.46 -30.26
CA LEU B 99 -16.06 1.41 -28.82
C LEU B 99 -17.05 0.45 -28.21
N PRO B 100 -16.58 -0.27 -27.19
CA PRO B 100 -17.01 -1.60 -26.87
C PRO B 100 -18.24 -1.80 -25.99
N GLU B 101 -19.08 -0.83 -25.60
CA GLU B 101 -20.26 -1.05 -24.73
C GLU B 101 -19.83 -1.46 -23.32
N ARG B 102 -18.98 -2.46 -23.08
CA ARG B 102 -18.56 -2.87 -21.76
C ARG B 102 -17.06 -3.05 -21.73
N ILE B 103 -16.29 -2.69 -20.69
CA ILE B 103 -14.88 -3.09 -20.62
C ILE B 103 -14.63 -3.81 -19.30
N ASP B 104 -14.91 -5.09 -19.37
CA ASP B 104 -14.74 -5.97 -18.25
C ASP B 104 -13.29 -6.29 -18.09
N ASN B 105 -12.99 -6.48 -16.83
CA ASN B 105 -11.69 -6.90 -16.35
C ASN B 105 -10.50 -6.01 -16.48
N VAL B 106 -10.39 -5.16 -17.50
CA VAL B 106 -9.16 -4.41 -17.69
C VAL B 106 -9.02 -3.25 -16.70
N LEU B 107 -10.03 -2.40 -16.42
CA LEU B 107 -9.72 -1.16 -15.69
C LEU B 107 -10.00 -1.28 -14.21
N VAL B 108 -9.70 -0.27 -13.39
CA VAL B 108 -9.95 -0.36 -11.96
C VAL B 108 -10.79 0.85 -11.56
N CYS B 109 -11.83 0.62 -10.78
CA CYS B 109 -12.70 1.70 -10.38
C CYS B 109 -11.91 2.67 -9.50
N PRO B 110 -11.89 3.92 -9.90
CA PRO B 110 -11.32 4.96 -9.10
C PRO B 110 -12.17 5.30 -7.90
N ASN B 111 -13.37 4.75 -7.64
CA ASN B 111 -14.04 5.07 -6.39
C ASN B 111 -13.36 4.28 -5.26
N SER B 112 -12.78 4.90 -4.23
CA SER B 112 -12.05 4.10 -3.23
C SER B 112 -12.95 3.21 -2.40
N ASN B 113 -14.22 3.62 -2.23
CA ASN B 113 -15.20 2.85 -1.47
C ASN B 113 -16.07 1.93 -2.33
N CYS B 114 -15.68 1.65 -3.56
CA CYS B 114 -16.40 0.72 -4.38
C CYS B 114 -16.15 -0.62 -3.77
N ILE B 115 -17.15 -1.48 -3.82
CA ILE B 115 -17.02 -2.84 -3.30
C ILE B 115 -16.04 -3.63 -4.12
N SER B 116 -15.87 -3.30 -5.41
CA SER B 116 -15.00 -4.04 -6.31
C SER B 116 -13.57 -4.20 -5.80
N HIS B 117 -13.12 -3.30 -4.92
CA HIS B 117 -11.76 -3.36 -4.42
C HIS B 117 -11.51 -4.43 -3.38
N ALA B 118 -12.55 -4.85 -2.64
CA ALA B 118 -12.40 -5.81 -1.56
C ALA B 118 -12.71 -7.26 -1.95
N GLU B 119 -13.84 -7.41 -2.63
CA GLU B 119 -14.30 -8.70 -3.01
C GLU B 119 -13.56 -9.25 -4.21
N PRO B 120 -13.58 -10.57 -4.44
CA PRO B 120 -13.18 -11.21 -5.70
C PRO B 120 -14.17 -11.16 -6.87
N VAL B 121 -14.49 -10.01 -7.46
CA VAL B 121 -15.35 -9.96 -8.66
C VAL B 121 -14.49 -9.29 -9.74
N SER B 122 -14.71 -9.46 -11.04
CA SER B 122 -13.88 -8.76 -12.01
C SER B 122 -14.49 -7.40 -12.26
N SER B 123 -13.67 -6.41 -12.59
CA SER B 123 -14.16 -5.05 -12.83
C SER B 123 -15.04 -5.02 -14.08
N SER B 124 -15.88 -3.99 -14.35
CA SER B 124 -16.73 -3.97 -15.50
C SER B 124 -17.17 -2.53 -15.71
N PHE B 125 -17.04 -1.94 -16.89
CA PHE B 125 -17.54 -0.60 -17.09
C PHE B 125 -18.40 -0.48 -18.33
N ALA B 126 -19.43 0.32 -18.23
CA ALA B 126 -20.25 0.62 -19.37
C ALA B 126 -19.62 1.88 -19.95
N VAL B 127 -19.51 1.82 -21.26
CA VAL B 127 -18.82 2.82 -22.05
C VAL B 127 -19.83 3.68 -22.78
N ARG B 128 -19.90 5.01 -22.62
CA ARG B 128 -20.75 5.82 -23.50
C ARG B 128 -19.98 7.07 -23.88
N LYS B 129 -20.03 7.41 -25.18
CA LYS B 129 -19.38 8.58 -25.80
C LYS B 129 -20.08 9.76 -25.13
N ARG B 130 -19.55 10.31 -24.05
CA ARG B 130 -20.35 11.18 -23.22
C ARG B 130 -20.68 12.60 -23.65
N ALA B 131 -20.37 12.91 -24.92
CA ALA B 131 -20.56 14.17 -25.64
C ALA B 131 -19.22 14.62 -26.18
N ASN B 132 -18.15 14.33 -25.47
CA ASN B 132 -16.87 14.77 -25.97
C ASN B 132 -15.81 13.77 -25.53
N ASP B 133 -15.79 13.47 -24.23
CA ASP B 133 -14.94 12.44 -23.69
C ASP B 133 -15.81 11.20 -23.78
N ILE B 134 -15.25 10.06 -23.43
CA ILE B 134 -15.92 8.77 -23.35
C ILE B 134 -16.09 8.61 -21.86
N ALA B 135 -17.32 8.51 -21.36
CA ALA B 135 -17.58 8.30 -19.95
C ALA B 135 -17.66 6.81 -19.65
N LEU B 136 -17.24 6.49 -18.42
CA LEU B 136 -17.09 5.15 -17.90
C LEU B 136 -17.81 4.99 -16.57
N LYS B 137 -18.93 4.25 -16.56
CA LYS B 137 -19.75 4.03 -15.36
C LYS B 137 -19.46 2.63 -14.81
N CYS B 138 -18.98 2.54 -13.59
CA CYS B 138 -18.69 1.29 -12.91
C CYS B 138 -19.97 0.50 -12.74
N LYS B 139 -19.99 -0.81 -13.03
CA LYS B 139 -21.26 -1.53 -12.90
C LYS B 139 -21.71 -1.70 -11.48
N TYR B 140 -20.78 -1.58 -10.52
CA TYR B 140 -21.09 -1.76 -9.11
C TYR B 140 -21.37 -0.47 -8.40
N CYS B 141 -20.47 0.50 -8.29
CA CYS B 141 -20.78 1.66 -7.47
C CYS B 141 -21.59 2.70 -8.18
N GLU B 142 -21.79 2.45 -9.49
CA GLU B 142 -22.53 3.27 -10.43
C GLU B 142 -22.03 4.69 -10.60
N LYS B 143 -20.88 5.09 -10.06
CA LYS B 143 -20.36 6.42 -10.27
C LYS B 143 -19.77 6.35 -11.68
N GLU B 144 -19.89 7.47 -12.39
CA GLU B 144 -19.49 7.61 -13.80
C GLU B 144 -18.20 8.42 -13.85
N PHE B 145 -17.21 8.12 -14.68
CA PHE B 145 -15.92 8.79 -14.62
C PHE B 145 -15.47 9.07 -16.05
N SER B 146 -14.60 10.06 -16.34
CA SER B 146 -14.14 10.23 -17.71
C SER B 146 -13.15 9.12 -17.94
N HIS B 147 -13.04 8.66 -19.16
CA HIS B 147 -12.15 7.57 -19.44
C HIS B 147 -10.71 7.91 -19.07
N ASN B 148 -10.32 9.19 -19.05
CA ASN B 148 -8.94 9.59 -18.78
C ASN B 148 -8.55 9.35 -17.35
N VAL B 149 -9.44 9.63 -16.40
CA VAL B 149 -9.10 9.43 -14.99
C VAL B 149 -9.04 7.95 -14.61
N VAL B 150 -9.96 7.16 -15.19
CA VAL B 150 -10.02 5.72 -14.96
C VAL B 150 -8.72 5.06 -15.40
N LEU B 151 -8.01 5.70 -16.33
CA LEU B 151 -6.71 5.23 -16.75
C LEU B 151 -5.64 5.82 -15.82
N ALA B 152 -5.86 5.46 -14.54
CA ALA B 152 -5.09 5.73 -13.33
C ALA B 152 -4.02 6.83 -13.14
N ASN B 153 -4.24 7.63 -12.09
CA ASN B 153 -3.30 8.67 -11.70
C ASN B 153 -3.03 8.53 -10.19
N ALA C 1 48.21 14.31 13.05
CA ALA C 1 46.84 13.79 12.97
C ALA C 1 46.92 12.29 13.22
N ASN C 2 46.02 11.72 14.02
CA ASN C 2 46.01 10.30 14.35
C ASN C 2 45.04 9.62 13.38
N PRO C 3 44.96 8.31 13.17
CA PRO C 3 44.13 7.69 12.11
C PRO C 3 42.61 7.88 12.23
N LEU C 4 42.12 8.02 13.48
CA LEU C 4 40.72 8.16 13.78
C LEU C 4 40.20 9.57 13.85
N TYR C 5 41.06 10.57 13.89
CA TYR C 5 40.67 11.99 13.86
C TYR C 5 39.63 12.27 12.76
N GLN C 6 38.49 12.85 13.14
CA GLN C 6 37.35 13.13 12.29
C GLN C 6 36.72 11.95 11.55
N LYS C 7 36.95 10.72 11.96
CA LYS C 7 36.29 9.61 11.31
C LYS C 7 34.90 9.47 11.91
N HIS C 8 34.05 8.79 11.17
CA HIS C 8 32.70 8.52 11.57
C HIS C 8 32.85 7.10 12.12
N ILE C 9 32.40 6.73 13.31
CA ILE C 9 32.54 5.36 13.77
C ILE C 9 31.17 4.79 13.53
N ILE C 10 31.01 4.18 12.36
CA ILE C 10 29.71 3.65 11.95
C ILE C 10 29.65 2.14 12.05
N SER C 11 30.65 1.40 11.61
CA SER C 11 30.55 -0.03 11.57
C SER C 11 31.86 -0.64 11.93
N ILE C 12 31.97 -1.73 12.68
CA ILE C 12 33.26 -2.33 12.99
C ILE C 12 33.94 -2.74 11.69
N ASN C 13 33.09 -3.02 10.73
CA ASN C 13 33.49 -3.40 9.41
C ASN C 13 34.42 -2.37 8.78
N ASP C 14 34.21 -1.10 8.97
CA ASP C 14 35.09 -0.10 8.43
C ASP C 14 36.36 0.11 9.29
N LEU C 15 36.55 -0.49 10.47
CA LEU C 15 37.74 -0.23 11.27
C LEU C 15 38.75 -1.35 11.03
N SER C 16 40.05 -1.19 11.17
CA SER C 16 41.05 -2.22 10.97
C SER C 16 41.58 -2.65 12.34
N ARG C 17 42.45 -3.67 12.42
CA ARG C 17 43.03 -4.14 13.69
C ARG C 17 43.74 -2.98 14.38
N ASP C 18 44.38 -2.07 13.68
CA ASP C 18 45.09 -1.04 14.38
C ASP C 18 44.25 0.11 14.87
N ASP C 19 43.13 0.45 14.23
CA ASP C 19 42.25 1.47 14.78
C ASP C 19 41.73 0.98 16.11
N LEU C 20 41.38 -0.31 16.12
CA LEU C 20 40.84 -0.95 17.31
C LEU C 20 41.88 -0.96 18.37
N ASN C 21 43.11 -1.37 18.07
CA ASN C 21 44.17 -1.36 19.07
C ASN C 21 44.45 0.04 19.58
N LEU C 22 44.39 1.07 18.74
CA LEU C 22 44.60 2.44 19.18
C LEU C 22 43.58 2.85 20.25
N VAL C 23 42.31 2.44 20.11
CA VAL C 23 41.30 2.79 21.08
C VAL C 23 41.58 2.13 22.43
N LEU C 24 41.93 0.85 22.41
CA LEU C 24 42.23 0.15 23.65
C LEU C 24 43.46 0.73 24.36
N ALA C 25 44.50 1.10 23.62
CA ALA C 25 45.69 1.70 24.20
C ALA C 25 45.37 3.03 24.85
N THR C 26 44.61 3.87 24.16
CA THR C 26 44.15 5.13 24.72
C THR C 26 43.24 4.92 25.94
N ALA C 27 42.29 3.98 25.91
CA ALA C 27 41.34 3.76 27.00
C ALA C 27 42.15 3.38 28.22
N ALA C 28 43.17 2.55 27.99
CA ALA C 28 44.04 2.17 29.07
C ALA C 28 44.74 3.39 29.64
N LYS C 29 45.24 4.32 28.79
CA LYS C 29 45.94 5.51 29.27
C LYS C 29 44.94 6.36 30.07
N LEU C 30 43.81 6.76 29.52
CA LEU C 30 42.88 7.59 30.25
C LEU C 30 42.35 6.85 31.47
N LYS C 31 42.29 5.52 31.54
CA LYS C 31 41.83 4.84 32.74
C LYS C 31 42.81 5.07 33.88
N ALA C 32 44.08 5.28 33.54
CA ALA C 32 45.11 5.48 34.54
C ALA C 32 45.37 6.96 34.78
N ASN C 33 45.40 7.79 33.76
CA ASN C 33 45.67 9.20 33.93
C ASN C 33 44.62 9.96 33.12
N PRO C 34 43.71 10.56 33.88
CA PRO C 34 42.56 11.29 33.42
C PRO C 34 42.87 12.61 32.76
N GLN C 35 42.09 13.00 31.79
CA GLN C 35 42.29 14.26 31.12
C GLN C 35 41.11 15.25 31.25
N PRO C 36 40.84 15.93 32.34
CA PRO C 36 39.59 16.66 32.56
C PRO C 36 39.21 17.82 31.60
N GLU C 37 40.22 18.27 30.85
CA GLU C 37 40.09 19.38 29.93
C GLU C 37 40.22 18.96 28.47
N LEU C 38 40.46 17.72 28.09
CA LEU C 38 40.72 17.37 26.70
C LEU C 38 39.76 17.91 25.67
N LEU C 39 38.50 18.11 26.03
CA LEU C 39 37.52 18.59 25.10
C LEU C 39 36.83 19.85 25.63
N LYS C 40 37.59 20.64 26.38
CA LYS C 40 37.09 21.88 26.89
C LYS C 40 36.64 22.68 25.67
N HIS C 41 35.40 23.18 25.75
CA HIS C 41 34.74 24.04 24.77
C HIS C 41 34.17 23.32 23.53
N LYS C 42 34.11 21.99 23.47
CA LYS C 42 33.40 21.32 22.39
C LYS C 42 31.97 21.03 22.83
N VAL C 43 30.91 21.09 22.02
CA VAL C 43 29.52 20.83 22.41
C VAL C 43 29.22 19.61 21.56
N ILE C 44 28.74 18.51 22.12
CA ILE C 44 28.52 17.24 21.42
C ILE C 44 27.04 16.96 21.63
N ALA C 45 26.37 16.52 20.57
CA ALA C 45 24.94 16.24 20.54
C ALA C 45 24.71 14.78 20.85
N SER C 46 23.82 14.46 21.76
CA SER C 46 23.51 13.10 22.09
C SER C 46 22.09 12.85 21.61
N CYS C 47 21.89 12.27 20.43
CA CYS C 47 20.57 12.10 19.88
C CYS C 47 20.11 10.65 19.95
N PHE C 48 19.25 10.29 20.90
CA PHE C 48 18.79 8.94 21.04
C PHE C 48 17.37 8.87 20.57
N PHE C 49 17.16 8.32 19.37
CA PHE C 49 15.83 8.09 18.82
C PHE C 49 15.32 6.73 19.27
N GLU C 50 15.95 6.03 20.20
CA GLU C 50 15.49 4.73 20.66
C GLU C 50 16.03 4.61 22.08
N ALA C 51 15.28 3.96 22.95
CA ALA C 51 15.67 3.73 24.32
C ALA C 51 17.09 3.33 24.62
N SER C 52 17.60 3.89 25.73
CA SER C 52 18.92 3.64 26.28
C SER C 52 19.01 4.21 27.69
N THR C 53 19.75 3.47 28.52
CA THR C 53 20.23 3.91 29.83
C THR C 53 21.78 3.96 29.82
N ALA C 54 22.43 2.80 29.64
CA ALA C 54 23.84 2.70 29.71
C ALA C 54 24.55 3.33 28.55
N THR C 55 24.22 3.11 27.29
CA THR C 55 24.97 3.73 26.21
C THR C 55 24.86 5.24 26.27
N ARG C 56 23.67 5.77 26.49
CA ARG C 56 23.51 7.21 26.56
C ARG C 56 24.17 7.76 27.80
N LEU C 57 23.91 7.28 29.02
CA LEU C 57 24.55 7.90 30.17
C LEU C 57 26.06 7.63 30.21
N SER C 58 26.65 6.49 29.82
CA SER C 58 28.11 6.36 29.76
C SER C 58 28.68 7.37 28.77
N PHE C 59 28.05 7.59 27.60
CA PHE C 59 28.52 8.56 26.62
C PHE C 59 28.49 9.94 27.14
N GLN C 60 27.41 10.39 27.76
CA GLN C 60 27.47 11.76 28.25
C GLN C 60 28.24 11.86 29.56
N THR C 61 28.57 10.82 30.31
CA THR C 61 29.44 11.01 31.44
C THR C 61 30.82 11.15 30.83
N SER C 62 31.25 10.31 29.87
CA SER C 62 32.51 10.48 29.16
C SER C 62 32.75 11.90 28.65
N MET C 63 31.79 12.48 27.94
CA MET C 63 31.86 13.87 27.49
C MET C 63 32.12 14.78 28.69
N HIS C 64 31.44 14.64 29.82
CA HIS C 64 31.63 15.54 30.93
C HIS C 64 32.96 15.30 31.61
N ARG C 65 33.49 14.07 31.69
CA ARG C 65 34.79 13.84 32.31
C ARG C 65 35.88 14.49 31.45
N LEU C 66 35.66 14.75 30.16
CA LEU C 66 36.67 15.35 29.35
C LEU C 66 36.43 16.82 29.11
N GLY C 67 35.63 17.50 29.93
CA GLY C 67 35.41 18.92 29.78
C GLY C 67 34.46 19.37 28.68
N ALA C 68 33.72 18.46 28.06
CA ALA C 68 32.81 18.84 26.99
C ALA C 68 31.41 19.12 27.52
N SER C 69 30.63 19.64 26.58
CA SER C 69 29.25 20.00 26.77
C SER C 69 28.36 19.14 25.93
N VAL C 70 27.16 18.88 26.43
CA VAL C 70 26.24 17.95 25.81
C VAL C 70 24.93 18.63 25.65
N VAL C 71 24.27 18.45 24.51
CA VAL C 71 22.91 18.92 24.22
C VAL C 71 22.20 17.78 23.52
N GLY C 72 20.87 17.62 23.46
CA GLY C 72 20.35 16.50 22.70
C GLY C 72 18.99 16.01 23.15
N PHE C 73 18.66 14.73 22.95
CA PHE C 73 17.38 14.18 23.34
C PHE C 73 17.48 12.69 23.52
N SER C 74 16.57 12.18 24.31
CA SER C 74 16.48 10.75 24.50
C SER C 74 15.18 10.23 24.00
N ASP C 75 14.38 11.12 23.43
CA ASP C 75 13.05 10.78 23.02
C ASP C 75 12.68 11.69 21.90
N SER C 76 12.55 11.03 20.75
CA SER C 76 12.23 11.71 19.51
C SER C 76 10.75 12.09 19.46
N ALA C 77 9.92 11.77 20.45
CA ALA C 77 8.53 12.16 20.44
C ALA C 77 8.33 13.64 20.55
N ASN C 78 9.36 14.36 20.94
CA ASN C 78 9.24 15.79 21.13
C ASN C 78 10.11 16.59 20.21
N THR C 79 10.73 15.96 19.23
CA THR C 79 11.53 16.69 18.29
C THR C 79 10.55 17.14 17.18
N SER C 80 11.01 17.96 16.24
CA SER C 80 10.21 18.29 15.10
C SER C 80 10.18 17.10 14.15
N LEU C 81 11.03 16.07 14.32
CA LEU C 81 10.88 14.81 13.57
C LEU C 81 9.67 14.06 14.10
N GLY C 82 9.57 14.08 15.41
CA GLY C 82 8.47 13.45 16.09
C GLY C 82 7.17 14.15 15.80
N LYS C 83 7.00 15.41 16.12
CA LYS C 83 5.72 16.01 15.90
C LYS C 83 5.51 16.71 14.59
N LYS C 84 6.48 17.04 13.73
CA LYS C 84 6.15 17.89 12.58
C LYS C 84 6.55 17.33 11.24
N GLY C 85 7.15 16.14 11.22
CA GLY C 85 7.54 15.50 9.98
C GLY C 85 8.87 15.91 9.40
N GLU C 86 9.82 16.33 10.24
CA GLU C 86 11.14 16.68 9.77
C GLU C 86 11.82 15.38 9.42
N THR C 87 12.46 15.26 8.27
CA THR C 87 13.13 14.02 7.93
C THR C 87 14.38 13.83 8.77
N LEU C 88 14.99 12.65 8.81
CA LEU C 88 16.22 12.49 9.57
C LEU C 88 17.29 13.22 8.78
N ALA C 89 17.14 13.36 7.45
CA ALA C 89 18.14 14.05 6.67
C ALA C 89 18.12 15.51 7.08
N ASP C 90 16.97 16.19 7.17
CA ASP C 90 16.96 17.60 7.55
C ASP C 90 17.29 17.75 9.01
N THR C 91 16.91 16.82 9.90
CA THR C 91 17.30 16.89 11.29
C THR C 91 18.81 16.91 11.36
N ILE C 92 19.55 16.01 10.75
CA ILE C 92 20.99 15.98 10.87
C ILE C 92 21.57 17.22 10.21
N SER C 93 21.05 17.67 9.08
CA SER C 93 21.58 18.86 8.44
C SER C 93 21.58 20.11 9.29
N VAL C 94 20.55 20.22 10.10
CA VAL C 94 20.44 21.37 10.95
C VAL C 94 21.37 21.13 12.13
N ILE C 95 21.27 20.01 12.90
CA ILE C 95 22.08 19.72 14.09
C ILE C 95 23.55 19.83 13.71
N SER C 96 24.04 19.47 12.52
CA SER C 96 25.45 19.59 12.22
C SER C 96 25.90 21.05 12.14
N THR C 97 25.03 22.04 11.92
CA THR C 97 25.50 23.42 11.98
C THR C 97 25.73 23.80 13.45
N TYR C 98 25.48 23.01 14.49
CA TYR C 98 25.60 23.52 15.85
C TYR C 98 26.68 22.88 16.68
N VAL C 99 27.01 21.64 16.42
CA VAL C 99 27.81 20.82 17.32
C VAL C 99 29.10 20.30 16.71
N ASP C 100 29.97 19.68 17.52
CA ASP C 100 31.29 19.24 17.07
C ASP C 100 31.38 17.71 16.79
N ALA C 101 30.40 16.92 17.21
CA ALA C 101 30.31 15.50 16.88
C ALA C 101 28.84 15.13 17.11
N ILE C 102 28.25 14.05 16.57
CA ILE C 102 26.85 13.66 16.81
C ILE C 102 26.90 12.20 17.26
N VAL C 103 26.33 11.81 18.40
CA VAL C 103 26.30 10.44 18.90
C VAL C 103 24.86 10.10 18.67
N MET C 104 24.56 8.99 18.03
CA MET C 104 23.19 8.78 17.58
C MET C 104 22.75 7.38 17.88
N ARG C 105 21.53 7.05 18.27
CA ARG C 105 21.08 5.66 18.37
C ARG C 105 19.75 5.73 17.67
N HIS C 106 19.40 4.77 16.83
CA HIS C 106 18.18 4.93 16.04
C HIS C 106 17.60 3.55 15.80
N PRO C 107 16.30 3.34 15.58
CA PRO C 107 15.71 2.01 15.38
C PRO C 107 15.77 1.37 14.00
N GLN C 108 15.89 2.14 12.92
CA GLN C 108 16.08 1.57 11.60
C GLN C 108 17.54 1.25 11.37
N GLU C 109 17.92 0.07 10.87
CA GLU C 109 19.29 -0.17 10.46
C GLU C 109 19.63 0.80 9.36
N GLY C 110 20.85 1.30 9.32
CA GLY C 110 21.26 2.18 8.24
C GLY C 110 21.19 3.66 8.56
N ALA C 111 20.57 4.03 9.68
CA ALA C 111 20.38 5.42 10.06
C ALA C 111 21.63 6.26 10.27
N ALA C 112 22.67 5.73 10.95
CA ALA C 112 23.88 6.47 11.16
C ALA C 112 24.65 6.62 9.87
N ARG C 113 24.63 5.62 8.95
CA ARG C 113 25.32 5.76 7.65
C ARG C 113 24.68 6.94 6.93
N LEU C 114 23.34 6.98 6.82
CA LEU C 114 22.58 8.11 6.26
C LEU C 114 23.00 9.43 6.92
N ALA C 115 23.10 9.48 8.27
CA ALA C 115 23.48 10.69 8.95
C ALA C 115 24.80 11.23 8.39
N THR C 116 25.75 10.37 8.04
CA THR C 116 27.01 10.86 7.58
C THR C 116 26.87 11.56 6.23
N GLU C 117 25.83 11.28 5.43
CA GLU C 117 25.70 11.92 4.13
C GLU C 117 25.26 13.31 4.31
N PHE C 118 24.71 13.63 5.46
CA PHE C 118 24.19 14.96 5.72
C PHE C 118 25.03 15.73 6.71
N SER C 119 25.87 15.00 7.38
CA SER C 119 26.64 15.48 8.47
C SER C 119 27.60 16.61 8.15
N GLY C 120 28.16 16.67 6.94
CA GLY C 120 29.11 17.72 6.60
C GLY C 120 30.46 17.34 7.18
N ASN C 121 31.02 18.17 8.03
CA ASN C 121 32.36 17.88 8.54
C ASN C 121 32.26 17.26 9.92
N VAL C 122 31.05 17.06 10.42
CA VAL C 122 30.85 16.70 11.80
C VAL C 122 30.93 15.19 11.89
N PRO C 123 31.79 14.58 12.70
CA PRO C 123 31.79 13.13 12.84
C PRO C 123 30.51 12.64 13.49
N VAL C 124 30.03 11.45 13.10
CA VAL C 124 28.79 10.86 13.60
C VAL C 124 29.30 9.62 14.29
N LEU C 125 28.88 9.28 15.51
CA LEU C 125 29.34 8.07 16.18
C LEU C 125 28.05 7.27 16.45
N ASN C 126 28.08 5.99 16.07
CA ASN C 126 26.92 5.12 16.12
C ASN C 126 26.72 4.38 17.43
N ALA C 127 25.75 4.86 18.17
CA ALA C 127 25.36 4.20 19.40
C ALA C 127 24.38 3.04 19.22
N GLY C 128 24.09 2.67 17.97
CA GLY C 128 23.33 1.49 17.62
C GLY C 128 22.34 1.87 16.56
N ASP C 129 22.21 1.10 15.48
CA ASP C 129 21.18 1.37 14.49
C ASP C 129 20.40 0.10 14.27
N GLY C 130 19.20 -0.01 14.85
CA GLY C 130 18.36 -1.18 14.65
C GLY C 130 19.14 -2.39 15.05
N SER C 131 19.22 -3.43 14.22
CA SER C 131 19.92 -4.65 14.62
C SER C 131 21.21 -4.81 13.87
N ASN C 132 21.69 -3.71 13.33
CA ASN C 132 22.91 -3.79 12.56
C ASN C 132 24.11 -3.75 13.46
N GLN C 133 24.56 -2.57 13.83
CA GLN C 133 25.82 -2.40 14.48
C GLN C 133 25.67 -1.68 15.79
N HIS C 134 26.62 -2.03 16.64
CA HIS C 134 26.81 -1.35 17.88
C HIS C 134 28.33 -1.26 18.07
N PRO C 135 29.09 -0.42 17.29
CA PRO C 135 30.55 -0.30 17.37
C PRO C 135 31.08 0.05 18.74
N THR C 136 30.49 1.00 19.51
CA THR C 136 31.09 1.37 20.78
C THR C 136 30.86 0.29 21.84
N GLN C 137 30.05 -0.76 21.58
CA GLN C 137 29.81 -1.82 22.56
C GLN C 137 31.05 -2.66 22.41
N THR C 138 31.42 -3.03 21.18
CA THR C 138 32.61 -3.80 20.92
C THR C 138 33.82 -3.11 21.47
N LEU C 139 34.05 -1.80 21.42
CA LEU C 139 35.29 -1.30 21.99
C LEU C 139 35.26 -1.51 23.49
N LEU C 140 34.14 -1.38 24.20
CA LEU C 140 34.17 -1.69 25.63
C LEU C 140 34.28 -3.19 25.85
N ASP C 141 33.71 -4.08 25.07
CA ASP C 141 33.88 -5.51 25.30
C ASP C 141 35.28 -5.93 24.97
N LEU C 142 35.94 -5.39 23.95
CA LEU C 142 37.32 -5.76 23.62
C LEU C 142 38.27 -5.25 24.71
N PHE C 143 38.08 -4.05 25.25
CA PHE C 143 38.87 -3.58 26.35
C PHE C 143 38.68 -4.56 27.51
N THR C 144 37.47 -5.03 27.83
CA THR C 144 37.25 -5.96 28.93
C THR C 144 37.87 -7.30 28.70
N ILE C 145 37.79 -7.87 27.49
CA ILE C 145 38.41 -9.17 27.22
C ILE C 145 39.92 -9.04 27.41
N GLN C 146 40.53 -7.97 26.88
CA GLN C 146 41.94 -7.72 27.04
C GLN C 146 42.26 -7.61 28.50
N GLN C 147 41.50 -6.86 29.26
CA GLN C 147 41.78 -6.70 30.66
C GLN C 147 41.84 -8.02 31.37
N THR C 148 40.89 -8.91 31.12
CA THR C 148 40.80 -10.15 31.85
C THR C 148 41.66 -11.29 31.32
N GLU C 149 41.82 -11.31 30.00
CA GLU C 149 42.51 -12.37 29.28
C GLU C 149 43.93 -12.05 28.84
N GLY C 150 44.27 -10.77 28.77
CA GLY C 150 45.58 -10.23 28.41
C GLY C 150 45.98 -10.59 27.01
N ARG C 151 45.00 -10.83 26.15
CA ARG C 151 45.21 -11.46 24.89
C ARG C 151 43.97 -11.09 24.08
N LEU C 152 44.00 -10.83 22.79
CA LEU C 152 42.78 -10.74 22.01
C LEU C 152 42.92 -11.71 20.83
N ASP C 153 43.79 -12.70 20.92
CA ASP C 153 44.04 -13.65 19.84
C ASP C 153 43.93 -15.03 20.49
N ASN C 154 43.65 -16.07 19.74
CA ASN C 154 43.64 -17.43 20.26
C ASN C 154 42.69 -17.60 21.42
N LEU C 155 41.52 -16.98 21.40
CA LEU C 155 40.58 -17.12 22.49
C LEU C 155 39.50 -18.09 22.10
N HIS C 156 38.74 -18.63 23.04
CA HIS C 156 37.60 -19.51 22.76
C HIS C 156 36.43 -18.72 23.24
N VAL C 157 35.66 -18.20 22.30
CA VAL C 157 34.56 -17.30 22.58
C VAL C 157 33.23 -17.98 22.23
N ALA C 158 32.32 -18.05 23.20
CA ALA C 158 30.99 -18.57 22.95
C ALA C 158 30.01 -17.41 22.92
N MET C 159 29.10 -17.32 21.95
CA MET C 159 28.09 -16.25 21.91
C MET C 159 26.73 -16.93 21.95
N VAL C 160 25.93 -16.50 22.91
CA VAL C 160 24.71 -17.21 23.25
C VAL C 160 23.49 -16.31 23.15
N GLY C 161 22.36 -16.76 22.58
CA GLY C 161 21.12 -16.01 22.63
C GLY C 161 20.61 -15.58 21.27
N ASP C 162 20.12 -14.37 21.16
CA ASP C 162 19.56 -13.94 19.94
C ASP C 162 20.74 -13.35 19.22
N LEU C 163 21.20 -14.13 18.28
CA LEU C 163 22.32 -13.70 17.48
C LEU C 163 21.88 -13.08 16.18
N LYS C 164 20.60 -13.20 15.77
CA LYS C 164 20.09 -12.62 14.53
C LYS C 164 19.83 -11.13 14.68
N TYR C 165 19.15 -10.71 15.73
CA TYR C 165 18.85 -9.29 15.96
C TYR C 165 19.88 -8.57 16.83
N GLY C 166 20.79 -9.28 17.50
CA GLY C 166 21.79 -8.68 18.35
C GLY C 166 22.83 -7.87 17.57
N ARG C 167 22.78 -6.54 17.60
CA ARG C 167 23.81 -5.74 16.99
C ARG C 167 25.14 -5.86 17.73
N THR C 168 25.13 -6.18 19.03
CA THR C 168 26.36 -6.29 19.78
C THR C 168 27.24 -7.44 19.28
N VAL C 169 26.65 -8.60 18.96
CA VAL C 169 27.43 -9.72 18.45
C VAL C 169 27.78 -9.61 16.98
N HIS C 170 27.05 -8.82 16.18
CA HIS C 170 27.37 -8.66 14.77
C HIS C 170 28.63 -7.86 14.79
N SER C 171 28.73 -6.79 15.58
CA SER C 171 29.96 -6.01 15.69
C SER C 171 31.10 -6.79 16.40
N LEU C 172 30.84 -7.50 17.50
CA LEU C 172 31.88 -8.19 18.19
C LEU C 172 32.48 -9.27 17.32
N THR C 173 31.70 -10.05 16.58
CA THR C 173 32.28 -11.11 15.76
C THR C 173 33.16 -10.55 14.63
N GLN C 174 32.74 -9.44 14.06
CA GLN C 174 33.53 -8.85 13.02
C GLN C 174 34.85 -8.36 13.58
N ALA C 175 34.91 -7.92 14.85
CA ALA C 175 36.15 -7.40 15.43
C ALA C 175 37.08 -8.50 15.89
N LEU C 176 36.55 -9.55 16.53
CA LEU C 176 37.41 -10.63 16.95
C LEU C 176 37.89 -11.41 15.73
N ALA C 177 37.26 -11.34 14.55
CA ALA C 177 37.83 -11.98 13.36
C ALA C 177 39.03 -11.23 12.78
N LYS C 178 39.42 -10.12 13.42
CA LYS C 178 40.56 -9.33 12.99
C LYS C 178 41.81 -9.75 13.74
N PHE C 179 41.70 -10.56 14.77
CA PHE C 179 42.85 -10.99 15.49
C PHE C 179 43.05 -12.46 15.11
N ASP C 180 44.15 -13.07 15.59
CA ASP C 180 44.50 -14.36 15.06
C ASP C 180 44.10 -15.49 15.94
N GLY C 181 43.45 -16.46 15.32
CA GLY C 181 43.26 -17.74 15.97
C GLY C 181 42.11 -17.86 16.95
N ASN C 182 41.10 -16.98 16.87
CA ASN C 182 39.96 -17.07 17.78
C ASN C 182 39.00 -18.14 17.30
N ARG C 183 38.45 -18.90 18.22
CA ARG C 183 37.54 -19.96 17.91
C ARG C 183 36.19 -19.50 18.42
N PHE C 184 35.15 -19.50 17.58
CA PHE C 184 33.79 -19.12 17.96
C PHE C 184 32.80 -20.28 18.12
N TYR C 185 31.94 -20.29 19.15
CA TYR C 185 30.94 -21.32 19.35
C TYR C 185 29.64 -20.53 19.39
N PHE C 186 28.67 -20.71 18.48
CA PHE C 186 27.43 -19.94 18.49
C PHE C 186 26.28 -20.77 19.03
N ILE C 187 25.59 -20.39 20.09
CA ILE C 187 24.51 -21.20 20.61
C ILE C 187 23.35 -20.28 20.54
N ALA C 188 22.42 -20.49 19.62
CA ALA C 188 21.26 -19.63 19.47
C ALA C 188 20.11 -20.51 19.04
N PRO C 189 18.83 -20.26 19.30
CA PRO C 189 17.75 -21.01 18.69
C PRO C 189 17.74 -20.75 17.20
N ASP C 190 17.43 -21.72 16.35
CA ASP C 190 17.43 -21.58 14.90
C ASP C 190 16.91 -20.28 14.32
N ALA C 191 15.73 -19.85 14.78
CA ALA C 191 15.10 -18.62 14.29
C ALA C 191 15.95 -17.40 14.46
N LEU C 192 16.79 -17.44 15.48
CA LEU C 192 17.59 -16.31 15.88
C LEU C 192 19.09 -16.56 15.68
N ALA C 193 19.39 -17.33 14.66
CA ALA C 193 20.76 -17.67 14.32
C ALA C 193 21.62 -16.53 13.77
N MET C 194 22.96 -16.73 13.72
CA MET C 194 23.92 -15.77 13.16
C MET C 194 23.54 -15.53 11.71
N PRO C 195 23.29 -14.32 11.23
CA PRO C 195 23.04 -14.11 9.82
C PRO C 195 24.16 -14.69 8.94
N GLU C 196 23.81 -15.20 7.77
CA GLU C 196 24.84 -15.78 6.89
C GLU C 196 25.94 -14.83 6.50
N TYR C 197 25.77 -13.52 6.33
CA TYR C 197 26.91 -12.74 5.90
C TYR C 197 28.08 -12.68 6.88
N ILE C 198 27.81 -12.88 8.18
CA ILE C 198 28.85 -12.92 9.20
C ILE C 198 29.49 -14.27 8.99
N LEU C 199 28.71 -15.37 8.94
CA LEU C 199 29.27 -16.70 8.72
C LEU C 199 30.12 -16.74 7.45
N ASP C 200 29.61 -16.36 6.27
CA ASP C 200 30.38 -16.24 5.05
C ASP C 200 31.73 -15.60 5.30
N MET C 201 31.79 -14.50 6.06
CA MET C 201 33.03 -13.82 6.37
C MET C 201 33.93 -14.67 7.23
N LEU C 202 33.44 -15.35 8.26
CA LEU C 202 34.30 -16.15 9.10
C LEU C 202 34.99 -17.20 8.25
N ASP C 203 34.20 -17.86 7.40
CA ASP C 203 34.66 -18.90 6.47
C ASP C 203 35.63 -18.39 5.43
N GLU C 204 35.34 -17.32 4.72
CA GLU C 204 36.23 -16.70 3.77
C GLU C 204 37.56 -16.37 4.46
N LYS C 205 37.51 -16.07 5.75
CA LYS C 205 38.70 -15.79 6.51
C LYS C 205 39.42 -17.01 7.10
N GLY C 206 38.90 -18.22 7.01
CA GLY C 206 39.57 -19.35 7.61
C GLY C 206 39.39 -19.45 9.13
N ILE C 207 38.47 -18.64 9.70
CA ILE C 207 38.20 -18.66 11.14
C ILE C 207 37.37 -19.90 11.48
N ALA C 208 37.63 -20.57 12.60
CA ALA C 208 36.84 -21.72 13.01
C ALA C 208 35.65 -21.26 13.82
N TRP C 209 34.47 -21.80 13.53
CA TRP C 209 33.30 -21.50 14.33
C TRP C 209 32.48 -22.77 14.36
N SER C 210 31.51 -22.95 15.24
CA SER C 210 30.71 -24.14 15.30
C SER C 210 29.40 -23.79 15.98
N LEU C 211 28.39 -24.62 15.80
CA LEU C 211 27.11 -24.41 16.41
C LEU C 211 26.99 -25.47 17.50
N HIS C 212 26.23 -25.18 18.57
CA HIS C 212 26.03 -26.10 19.69
C HIS C 212 24.65 -25.86 20.24
N SER C 213 24.02 -26.90 20.74
CA SER C 213 22.67 -26.78 21.27
C SER C 213 22.64 -26.53 22.77
N SER C 214 23.80 -26.51 23.40
CA SER C 214 23.85 -26.22 24.81
C SER C 214 25.13 -25.47 25.09
N ILE C 215 25.14 -25.00 26.33
CA ILE C 215 26.29 -24.35 26.88
C ILE C 215 27.22 -25.42 27.46
N GLU C 216 26.70 -26.52 28.00
CA GLU C 216 27.48 -27.57 28.67
C GLU C 216 28.47 -28.11 27.69
N GLU C 217 28.04 -28.29 26.44
CA GLU C 217 28.96 -28.76 25.42
C GLU C 217 30.28 -27.98 25.36
N VAL C 218 30.22 -26.66 25.59
CA VAL C 218 31.37 -25.81 25.47
C VAL C 218 31.89 -25.21 26.78
N MET C 219 31.26 -25.32 27.95
CA MET C 219 31.74 -24.72 29.23
C MET C 219 33.19 -24.88 29.64
N ALA C 220 33.78 -26.04 29.43
CA ALA C 220 35.17 -26.21 29.79
C ALA C 220 36.09 -25.62 28.73
N GLU C 221 35.63 -25.38 27.51
CA GLU C 221 36.46 -24.89 26.43
C GLU C 221 36.62 -23.37 26.41
N VAL C 222 35.72 -22.57 26.98
CA VAL C 222 35.67 -21.15 26.68
C VAL C 222 36.34 -20.23 27.67
N ASP C 223 36.92 -19.20 27.06
CA ASP C 223 37.57 -18.12 27.78
C ASP C 223 36.59 -16.99 28.12
N ILE C 224 35.68 -16.68 27.19
CA ILE C 224 34.67 -15.62 27.33
C ILE C 224 33.29 -16.26 27.03
N LEU C 225 32.22 -16.10 27.83
CA LEU C 225 30.89 -16.61 27.46
C LEU C 225 30.03 -15.36 27.36
N TYR C 226 29.72 -15.01 26.13
CA TYR C 226 29.04 -13.79 25.83
C TYR C 226 27.55 -13.99 25.69
N MET C 227 26.79 -13.70 26.75
CA MET C 227 25.34 -13.85 26.76
C MET C 227 24.57 -12.68 26.13
N THR C 228 23.53 -12.83 25.29
CA THR C 228 22.79 -11.72 24.76
C THR C 228 21.33 -11.82 25.17
N ARG C 229 20.51 -10.79 24.99
CA ARG C 229 19.12 -10.81 25.43
C ARG C 229 18.24 -10.99 24.20
N VAL C 230 17.11 -11.70 24.17
CA VAL C 230 16.22 -11.78 23.00
C VAL C 230 15.66 -10.39 22.76
N GLN C 231 15.83 -9.92 21.54
CA GLN C 231 15.43 -8.61 21.17
C GLN C 231 13.97 -8.61 20.88
N LYS C 232 13.15 -8.65 21.93
CA LYS C 232 11.72 -8.75 21.76
C LYS C 232 11.17 -7.69 20.83
N GLU C 233 11.66 -6.46 20.97
CA GLU C 233 11.17 -5.32 20.21
C GLU C 233 11.59 -5.39 18.76
N ARG C 234 12.45 -6.30 18.38
CA ARG C 234 12.84 -6.38 17.01
C ARG C 234 12.19 -7.58 16.37
N LEU C 235 11.60 -8.49 17.14
CA LEU C 235 11.00 -9.72 16.64
C LEU C 235 9.82 -9.51 15.71
N ASP C 236 9.66 -10.42 14.77
CA ASP C 236 8.53 -10.42 13.89
C ASP C 236 7.46 -11.24 14.61
N PRO C 237 6.14 -11.09 14.46
CA PRO C 237 5.18 -11.96 15.12
C PRO C 237 5.43 -13.43 14.87
N SER C 238 5.90 -13.81 13.69
CA SER C 238 6.18 -15.22 13.48
C SER C 238 7.32 -15.72 14.38
N GLU C 239 8.15 -14.83 14.92
CA GLU C 239 9.22 -15.25 15.81
C GLU C 239 8.87 -15.25 17.28
N TYR C 240 7.66 -14.81 17.62
CA TYR C 240 7.26 -14.77 19.01
C TYR C 240 7.36 -16.06 19.79
N ALA C 241 7.50 -17.22 19.17
CA ALA C 241 7.78 -18.44 19.92
C ALA C 241 9.07 -18.31 20.75
N ASN C 242 10.02 -17.55 20.18
CA ASN C 242 11.36 -17.32 20.71
C ASN C 242 11.52 -16.18 21.70
N VAL C 243 10.47 -15.60 22.23
CA VAL C 243 10.60 -14.52 23.18
C VAL C 243 11.27 -14.88 24.49
N LYS C 244 11.01 -16.06 25.04
CA LYS C 244 11.57 -16.46 26.32
C LYS C 244 12.99 -16.94 26.13
N ALA C 245 13.90 -16.73 27.08
CA ALA C 245 15.25 -17.25 26.88
C ALA C 245 15.30 -18.78 26.75
N GLN C 246 16.01 -19.27 25.75
CA GLN C 246 16.14 -20.71 25.59
C GLN C 246 17.29 -21.27 26.40
N PHE C 247 18.35 -20.50 26.61
CA PHE C 247 19.51 -20.98 27.31
C PHE C 247 19.63 -20.04 28.49
N VAL C 248 19.54 -20.54 29.73
CA VAL C 248 19.59 -19.77 30.97
C VAL C 248 20.87 -20.20 31.65
N LEU C 249 21.68 -19.32 32.23
CA LEU C 249 22.94 -19.64 32.85
C LEU C 249 22.70 -19.45 34.31
N ARG C 250 23.01 -20.43 35.12
CA ARG C 250 22.82 -20.38 36.56
C ARG C 250 24.19 -20.65 37.13
N ALA C 251 24.42 -20.28 38.39
CA ALA C 251 25.71 -20.54 39.01
C ALA C 251 26.12 -22.00 38.89
N SER C 252 25.21 -22.97 39.04
CA SER C 252 25.54 -24.38 38.97
C SER C 252 26.28 -24.77 37.72
N ASP C 253 25.90 -24.17 36.62
CA ASP C 253 26.44 -24.59 35.34
C ASP C 253 27.86 -24.11 35.18
N LEU C 254 28.36 -23.22 36.05
CA LEU C 254 29.73 -22.78 35.96
C LEU C 254 30.69 -23.80 36.55
N HIS C 255 30.15 -24.99 36.89
CA HIS C 255 30.83 -26.16 37.43
C HIS C 255 32.23 -26.50 36.93
N ASN C 256 32.55 -26.46 35.64
CA ASN C 256 33.91 -26.89 35.26
C ASN C 256 34.52 -26.01 34.20
N ALA C 257 34.22 -24.74 34.40
CA ALA C 257 34.68 -23.69 33.55
C ALA C 257 36.10 -23.43 33.93
N LYS C 258 36.89 -23.04 32.95
CA LYS C 258 38.26 -22.64 33.21
C LYS C 258 38.27 -21.54 34.30
N ALA C 259 39.24 -21.48 35.21
CA ALA C 259 39.23 -20.42 36.17
C ALA C 259 39.28 -19.02 35.55
N ASN C 260 39.97 -18.76 34.42
CA ASN C 260 40.11 -17.41 33.87
C ASN C 260 38.87 -16.87 33.19
N MET C 261 38.01 -17.80 32.77
CA MET C 261 36.76 -17.54 32.11
C MET C 261 35.87 -16.46 32.76
N LYS C 262 35.39 -15.52 31.94
CA LYS C 262 34.47 -14.48 32.35
C LYS C 262 33.14 -14.53 31.54
N VAL C 263 32.04 -14.21 32.22
CA VAL C 263 30.70 -14.18 31.66
C VAL C 263 30.50 -12.68 31.41
N LEU C 264 30.41 -12.30 30.14
CA LEU C 264 30.17 -10.93 29.74
C LEU C 264 28.71 -10.88 29.25
N HIS C 265 28.01 -9.74 29.25
CA HIS C 265 26.64 -9.61 28.76
C HIS C 265 26.50 -8.14 28.44
N PRO C 266 26.03 -7.61 27.30
CA PRO C 266 25.92 -6.16 27.05
C PRO C 266 24.96 -5.41 27.96
N LEU C 267 23.90 -6.14 28.35
CA LEU C 267 22.84 -5.78 29.29
C LEU C 267 21.86 -4.86 28.55
N PRO C 268 20.58 -4.80 28.83
CA PRO C 268 19.94 -5.39 29.99
C PRO C 268 19.78 -6.89 29.87
N ARG C 269 19.64 -7.58 30.98
CA ARG C 269 19.48 -9.02 30.95
C ARG C 269 18.08 -9.29 31.47
N VAL C 270 17.42 -10.29 30.91
CA VAL C 270 16.11 -10.58 31.40
C VAL C 270 16.23 -11.89 32.17
N ASP C 271 15.96 -13.05 31.60
CA ASP C 271 15.92 -14.29 32.36
C ASP C 271 17.11 -15.19 32.08
N GLU C 272 17.88 -14.89 31.03
CA GLU C 272 19.01 -15.70 30.62
C GLU C 272 20.12 -15.77 31.65
N ILE C 273 20.38 -14.81 32.54
CA ILE C 273 21.40 -15.04 33.53
C ILE C 273 20.71 -14.98 34.89
N ALA C 274 20.72 -16.08 35.62
CA ALA C 274 20.17 -16.11 36.95
C ALA C 274 21.02 -15.23 37.85
N THR C 275 20.45 -14.66 38.91
CA THR C 275 21.23 -13.75 39.71
C THR C 275 22.24 -14.42 40.62
N ASP C 276 22.26 -15.75 40.74
CA ASP C 276 23.23 -16.35 41.63
C ASP C 276 24.58 -16.30 40.95
N VAL C 277 24.55 -16.19 39.61
CA VAL C 277 25.78 -16.10 38.84
C VAL C 277 26.52 -14.88 39.25
N ASP C 278 25.79 -13.83 39.58
CA ASP C 278 26.31 -12.54 39.97
C ASP C 278 27.32 -12.62 41.07
N LYS C 279 27.18 -13.60 41.96
CA LYS C 279 28.07 -13.72 43.11
C LYS C 279 29.24 -14.66 42.83
N THR C 280 29.50 -15.06 41.57
CA THR C 280 30.60 -15.96 41.29
C THR C 280 31.80 -15.15 40.78
N PRO C 281 33.07 -15.55 40.83
CA PRO C 281 34.16 -14.84 40.19
C PRO C 281 34.09 -14.81 38.67
N HIS C 282 33.07 -15.41 38.08
CA HIS C 282 33.02 -15.46 36.66
C HIS C 282 32.24 -14.28 36.12
N ALA C 283 31.33 -13.72 36.92
CA ALA C 283 30.49 -12.64 36.51
C ALA C 283 31.31 -11.38 36.36
N TRP C 284 31.47 -10.94 35.12
CA TRP C 284 32.16 -9.72 34.82
C TRP C 284 31.24 -8.72 34.16
N TYR C 285 29.92 -8.92 34.05
CA TYR C 285 29.11 -7.94 33.33
C TYR C 285 28.96 -6.56 33.95
N PHE C 286 29.17 -6.25 35.23
CA PHE C 286 29.00 -4.87 35.64
C PHE C 286 30.33 -4.16 35.58
N GLN C 287 31.46 -4.88 35.59
CA GLN C 287 32.81 -4.31 35.40
C GLN C 287 32.96 -3.93 33.92
N GLN C 288 32.36 -4.77 33.09
CA GLN C 288 32.27 -4.49 31.67
C GLN C 288 31.50 -3.19 31.42
N ALA C 289 30.40 -2.92 32.14
CA ALA C 289 29.61 -1.74 31.87
C ALA C 289 30.47 -0.57 32.27
N GLY C 290 31.18 -0.71 33.38
CA GLY C 290 32.06 0.33 33.84
C GLY C 290 33.11 0.68 32.81
N ASN C 291 33.58 -0.28 32.03
CA ASN C 291 34.62 -0.01 31.05
C ASN C 291 34.18 0.81 29.88
N GLY C 292 32.87 1.10 29.82
CA GLY C 292 32.32 1.91 28.76
C GLY C 292 32.76 3.33 28.91
N ILE C 293 33.00 3.75 30.14
CA ILE C 293 33.47 5.08 30.34
C ILE C 293 34.83 5.21 29.68
N PHE C 294 35.76 4.27 29.83
CA PHE C 294 37.10 4.50 29.26
C PHE C 294 37.14 4.29 27.76
N ALA C 295 36.45 3.27 27.25
CA ALA C 295 36.40 3.05 25.82
C ALA C 295 35.72 4.22 25.15
N ARG C 296 34.63 4.78 25.67
CA ARG C 296 34.00 5.89 24.98
C ARG C 296 34.79 7.18 25.14
N GLN C 297 35.41 7.46 26.30
CA GLN C 297 36.30 8.62 26.44
C GLN C 297 37.38 8.52 25.39
N ALA C 298 38.02 7.35 25.25
CA ALA C 298 39.04 7.19 24.24
C ALA C 298 38.57 7.55 22.86
N LEU C 299 37.40 7.11 22.46
CA LEU C 299 36.94 7.34 21.11
C LEU C 299 36.64 8.80 20.91
N LEU C 300 36.08 9.43 21.91
CA LEU C 300 35.76 10.82 21.71
C LEU C 300 37.05 11.61 21.65
N ALA C 301 38.08 11.17 22.39
CA ALA C 301 39.36 11.85 22.48
C ALA C 301 40.08 11.82 21.17
N LEU C 302 40.10 10.66 20.55
CA LEU C 302 40.71 10.46 19.25
C LEU C 302 39.96 11.05 18.06
N VAL C 303 38.62 11.09 18.03
CA VAL C 303 37.93 11.64 16.84
C VAL C 303 38.04 13.17 16.80
N LEU C 304 38.08 13.86 17.93
CA LEU C 304 38.09 15.31 17.97
C LEU C 304 39.45 15.90 18.32
N ASN C 305 40.58 15.21 18.38
CA ASN C 305 41.87 15.80 18.68
C ASN C 305 42.84 15.24 17.70
N ARG C 306 43.55 16.12 17.00
CA ARG C 306 44.41 15.74 15.90
C ARG C 306 45.52 14.81 16.33
N ASP C 307 46.26 15.24 17.34
CA ASP C 307 47.35 14.48 17.92
C ASP C 307 47.01 14.47 19.41
N LEU C 308 47.29 13.38 20.10
CA LEU C 308 46.91 13.28 21.50
C LEU C 308 48.21 12.86 22.20
N VAL C 309 48.70 13.53 23.26
CA VAL C 309 49.93 13.09 23.88
C VAL C 309 49.51 12.66 25.24
N LEU C 310 49.52 11.34 25.15
CA LEU C 310 49.21 10.34 26.16
C LEU C 310 50.03 9.14 25.65
N GLY D 8 19.30 -7.75 -39.46
CA GLY D 8 18.70 -8.89 -38.79
C GLY D 8 17.22 -8.53 -38.89
N VAL D 9 16.39 -8.77 -37.87
CA VAL D 9 15.02 -8.21 -37.86
C VAL D 9 15.32 -6.73 -37.63
N GLU D 10 15.35 -6.00 -38.74
CA GLU D 10 15.78 -4.62 -38.95
C GLU D 10 17.29 -4.37 -38.87
N ALA D 11 17.62 -3.22 -39.46
CA ALA D 11 18.95 -2.66 -39.60
C ALA D 11 18.81 -1.16 -39.33
N ILE D 12 19.91 -0.43 -39.09
CA ILE D 12 19.87 0.98 -38.72
C ILE D 12 21.13 1.60 -39.28
N LYS D 13 21.22 2.92 -39.58
CA LYS D 13 22.51 3.54 -39.88
C LYS D 13 23.34 3.51 -38.60
N ARG D 14 22.87 4.08 -37.49
CA ARG D 14 23.59 4.05 -36.23
C ARG D 14 22.59 3.81 -35.10
N GLY D 15 22.95 3.00 -34.11
CA GLY D 15 22.14 2.73 -32.92
C GLY D 15 22.72 1.56 -32.13
N THR D 16 22.04 1.08 -31.09
CA THR D 16 22.51 -0.11 -30.44
C THR D 16 21.54 -1.27 -30.75
N VAL D 17 22.03 -2.50 -30.68
CA VAL D 17 21.17 -3.64 -30.88
C VAL D 17 21.54 -4.57 -29.75
N ILE D 18 20.61 -4.79 -28.81
CA ILE D 18 20.80 -5.67 -27.68
C ILE D 18 20.21 -7.00 -28.17
N ASP D 19 21.05 -7.99 -28.36
CA ASP D 19 20.56 -9.26 -28.82
C ASP D 19 20.88 -10.29 -27.74
N HIS D 20 20.34 -11.50 -27.88
CA HIS D 20 20.51 -12.63 -26.98
C HIS D 20 19.93 -12.27 -25.63
N ILE D 21 18.77 -11.62 -25.66
CA ILE D 21 18.07 -11.27 -24.43
C ILE D 21 17.21 -12.48 -24.09
N PRO D 22 17.21 -13.03 -22.89
CA PRO D 22 16.36 -14.15 -22.52
C PRO D 22 14.90 -13.77 -22.54
N ALA D 23 14.15 -14.79 -22.94
CA ALA D 23 12.71 -14.68 -23.03
C ALA D 23 11.99 -14.32 -21.75
N GLN D 24 11.03 -13.44 -22.04
CA GLN D 24 10.10 -12.79 -21.13
C GLN D 24 10.85 -11.71 -20.36
N ILE D 25 12.10 -11.39 -20.74
CA ILE D 25 12.85 -10.34 -20.09
C ILE D 25 12.91 -9.17 -21.06
N GLY D 26 12.80 -9.42 -22.37
CA GLY D 26 12.82 -8.38 -23.39
C GLY D 26 11.86 -7.24 -23.08
N PHE D 27 10.59 -7.56 -22.79
CA PHE D 27 9.62 -6.55 -22.44
C PHE D 27 9.97 -5.80 -21.15
N LYS D 28 10.58 -6.45 -20.17
CA LYS D 28 11.00 -5.76 -18.96
C LYS D 28 11.97 -4.64 -19.29
N LEU D 29 12.95 -4.85 -20.18
CA LEU D 29 13.90 -3.80 -20.48
C LEU D 29 13.28 -2.54 -21.09
N LEU D 30 12.19 -2.54 -21.88
CA LEU D 30 11.67 -1.27 -22.41
C LEU D 30 11.15 -0.34 -21.28
N SER D 31 10.63 -0.95 -20.23
CA SER D 31 10.18 -0.23 -19.04
C SER D 31 11.37 0.10 -18.18
N LEU D 32 12.17 -0.87 -17.80
CA LEU D 32 13.30 -0.66 -16.94
C LEU D 32 14.36 0.31 -17.43
N PHE D 33 14.44 0.58 -18.73
CA PHE D 33 15.38 1.58 -19.23
C PHE D 33 14.62 2.73 -19.86
N LYS D 34 13.30 2.70 -19.76
CA LYS D 34 12.39 3.70 -20.32
C LYS D 34 12.62 4.06 -21.79
N LEU D 35 12.92 3.03 -22.59
CA LEU D 35 13.17 3.13 -24.02
C LEU D 35 11.80 3.23 -24.70
N THR D 36 11.17 4.33 -24.41
CA THR D 36 9.84 4.64 -24.87
C THR D 36 9.84 6.17 -24.85
N GLU D 37 10.65 6.83 -24.00
CA GLU D 37 10.90 8.26 -24.10
C GLU D 37 11.95 8.26 -25.18
N THR D 38 11.44 8.37 -26.40
CA THR D 38 12.24 8.36 -27.59
C THR D 38 11.29 8.85 -28.68
N ASP D 39 11.93 9.35 -29.73
CA ASP D 39 11.21 9.88 -30.86
C ASP D 39 11.50 8.99 -32.07
N GLN D 40 12.72 8.47 -32.22
CA GLN D 40 13.10 7.64 -33.37
C GLN D 40 12.75 6.18 -33.16
N ARG D 41 12.89 5.38 -34.22
CA ARG D 41 12.40 4.02 -34.20
C ARG D 41 13.06 2.99 -33.28
N ILE D 42 12.23 2.08 -32.74
CA ILE D 42 12.71 0.96 -31.95
C ILE D 42 12.12 -0.28 -32.61
N THR D 43 12.86 -1.37 -32.74
CA THR D 43 12.34 -2.60 -33.30
C THR D 43 12.47 -3.64 -32.20
N ILE D 44 11.37 -4.24 -31.75
CA ILE D 44 11.43 -5.27 -30.72
C ILE D 44 10.98 -6.55 -31.40
N GLY D 45 11.74 -7.62 -31.21
CA GLY D 45 11.43 -8.92 -31.75
C GLY D 45 11.35 -9.77 -30.51
N LEU D 46 10.21 -10.43 -30.28
CA LEU D 46 10.03 -11.19 -29.06
C LEU D 46 9.89 -12.64 -29.42
N ASN D 47 10.49 -13.51 -28.61
CA ASN D 47 10.38 -14.95 -28.74
C ASN D 47 10.88 -15.44 -30.09
N LEU D 48 11.94 -14.74 -30.52
CA LEU D 48 12.67 -15.11 -31.72
C LEU D 48 13.39 -16.42 -31.39
N PRO D 49 13.50 -17.34 -32.34
CA PRO D 49 14.36 -18.50 -32.21
C PRO D 49 15.83 -18.12 -32.20
N SER D 50 16.56 -18.83 -31.36
CA SER D 50 18.00 -18.74 -31.26
C SER D 50 18.27 -20.22 -31.08
N GLY D 51 18.73 -20.95 -32.10
CA GLY D 51 18.90 -22.41 -32.04
C GLY D 51 19.46 -22.97 -30.73
N GLU D 52 20.46 -22.29 -30.17
CA GLU D 52 21.12 -22.73 -28.96
C GLU D 52 20.29 -22.40 -27.73
N MET D 53 19.64 -21.23 -27.67
CA MET D 53 18.84 -20.89 -26.50
C MET D 53 17.34 -20.76 -26.66
N GLY D 54 16.89 -21.31 -27.79
CA GLY D 54 15.50 -21.43 -28.20
C GLY D 54 14.79 -20.10 -28.34
N ARG D 55 14.33 -19.60 -27.21
CA ARG D 55 13.56 -18.39 -27.10
C ARG D 55 14.58 -17.25 -26.98
N LYS D 56 14.44 -16.13 -27.69
CA LYS D 56 15.36 -15.01 -27.58
C LYS D 56 14.54 -13.79 -27.88
N ASP D 57 14.71 -12.73 -27.12
CA ASP D 57 14.05 -11.47 -27.41
C ASP D 57 15.21 -10.62 -27.89
N LEU D 58 14.97 -9.58 -28.67
CA LEU D 58 16.03 -8.71 -29.16
C LEU D 58 15.45 -7.31 -29.31
N ILE D 59 16.21 -6.28 -28.92
CA ILE D 59 15.75 -4.88 -29.03
C ILE D 59 16.68 -4.12 -29.98
N LYS D 60 16.13 -3.20 -30.79
CA LYS D 60 16.92 -2.33 -31.65
C LYS D 60 16.50 -0.90 -31.36
N ILE D 61 17.43 -0.01 -31.10
CA ILE D 61 17.11 1.37 -30.83
C ILE D 61 17.91 2.14 -31.87
N GLU D 62 17.25 2.90 -32.73
CA GLU D 62 17.89 3.70 -33.75
C GLU D 62 18.47 4.92 -33.05
N ASN D 63 19.59 5.45 -33.52
CA ASN D 63 20.24 6.65 -32.99
C ASN D 63 20.58 6.64 -31.52
N THR D 64 20.49 5.53 -30.82
CA THR D 64 20.77 5.58 -29.41
C THR D 64 21.76 4.49 -29.11
N PHE D 65 22.49 4.82 -28.06
CA PHE D 65 23.56 4.00 -27.55
C PHE D 65 23.26 4.00 -26.05
N LEU D 66 23.38 2.83 -25.41
CA LEU D 66 23.10 2.69 -24.00
C LEU D 66 24.18 3.27 -23.11
N SER D 67 23.78 4.05 -22.11
CA SER D 67 24.72 4.70 -21.23
C SER D 67 25.35 3.79 -20.19
N GLU D 68 26.45 4.35 -19.67
CA GLU D 68 27.32 3.78 -18.65
C GLU D 68 26.59 2.91 -17.62
N ASP D 69 25.44 3.38 -17.18
CA ASP D 69 24.62 2.64 -16.25
C ASP D 69 24.07 1.38 -16.90
N GLN D 70 23.22 1.57 -17.92
CA GLN D 70 22.43 0.50 -18.46
C GLN D 70 23.22 -0.67 -18.88
N VAL D 71 24.43 -0.51 -19.38
CA VAL D 71 25.16 -1.65 -19.85
C VAL D 71 25.46 -2.67 -18.76
N ASP D 72 25.97 -2.27 -17.62
CA ASP D 72 26.26 -3.27 -16.60
C ASP D 72 25.09 -3.50 -15.65
N GLN D 73 24.09 -2.62 -15.69
CA GLN D 73 22.81 -2.86 -15.05
C GLN D 73 22.13 -4.01 -15.84
N LEU D 74 22.34 -4.05 -17.16
CA LEU D 74 21.90 -5.12 -18.06
C LEU D 74 22.63 -6.38 -17.65
N ALA D 75 23.89 -6.31 -17.18
CA ALA D 75 24.61 -7.50 -16.72
C ALA D 75 23.85 -8.30 -15.67
N LEU D 76 23.21 -7.55 -14.79
CA LEU D 76 22.43 -8.14 -13.72
C LEU D 76 21.09 -8.64 -14.26
N TYR D 77 20.54 -8.06 -15.34
CA TYR D 77 19.27 -8.53 -15.88
C TYR D 77 19.29 -9.54 -17.03
N ALA D 78 20.31 -9.59 -17.87
CA ALA D 78 20.33 -10.48 -19.01
C ALA D 78 21.80 -10.75 -19.21
N PRO D 79 22.39 -11.61 -18.40
CA PRO D 79 23.83 -11.81 -18.30
C PRO D 79 24.57 -12.27 -19.55
N GLN D 80 23.86 -12.74 -20.56
CA GLN D 80 24.49 -13.23 -21.76
C GLN D 80 24.05 -12.40 -22.95
N ALA D 81 23.43 -11.25 -22.71
CA ALA D 81 22.99 -10.40 -23.79
C ALA D 81 24.23 -9.82 -24.44
N THR D 82 24.13 -9.45 -25.70
CA THR D 82 25.27 -8.98 -26.46
C THR D 82 24.84 -7.63 -26.99
N VAL D 83 25.61 -6.61 -26.65
CA VAL D 83 25.29 -5.26 -27.06
C VAL D 83 26.16 -4.84 -28.24
N ASN D 84 25.52 -4.62 -29.38
CA ASN D 84 26.19 -4.27 -30.62
C ASN D 84 25.99 -2.79 -30.92
N ARG D 85 27.08 -2.06 -30.88
CA ARG D 85 27.10 -0.65 -31.18
C ARG D 85 27.23 -0.54 -32.69
N ILE D 86 26.32 0.12 -33.37
CA ILE D 86 26.33 0.21 -34.80
C ILE D 86 26.40 1.64 -35.28
N ASP D 87 27.21 1.86 -36.31
CA ASP D 87 27.26 3.13 -37.02
C ASP D 87 27.56 2.72 -38.45
N ASN D 88 27.02 3.48 -39.41
CA ASN D 88 27.13 3.21 -40.85
C ASN D 88 26.81 1.76 -41.17
N TYR D 89 25.82 1.21 -40.46
CA TYR D 89 25.38 -0.19 -40.58
C TYR D 89 26.49 -1.20 -40.20
N GLU D 90 27.65 -0.71 -39.78
CA GLU D 90 28.76 -1.51 -39.35
C GLU D 90 28.65 -1.66 -37.85
N VAL D 91 28.94 -2.89 -37.42
CA VAL D 91 29.04 -3.26 -36.01
C VAL D 91 30.35 -2.61 -35.54
N VAL D 92 30.27 -1.36 -35.12
CA VAL D 92 31.40 -0.59 -34.61
C VAL D 92 31.96 -1.20 -33.32
N GLY D 93 31.14 -1.74 -32.42
CA GLY D 93 31.65 -2.34 -31.20
C GLY D 93 30.71 -3.44 -30.77
N LYS D 94 31.23 -4.45 -30.09
CA LYS D 94 30.40 -5.53 -29.58
C LYS D 94 30.76 -5.54 -28.11
N SER D 95 29.79 -5.81 -27.26
CA SER D 95 30.04 -5.79 -25.84
C SER D 95 29.21 -6.88 -25.21
N ARG D 96 29.67 -7.28 -24.04
CA ARG D 96 29.00 -8.24 -23.19
C ARG D 96 29.21 -7.62 -21.82
N PRO D 97 28.20 -7.39 -20.99
CA PRO D 97 28.34 -6.58 -19.78
C PRO D 97 29.11 -7.33 -18.68
N SER D 98 29.80 -6.64 -17.77
CA SER D 98 30.46 -7.32 -16.66
C SER D 98 29.67 -6.99 -15.41
N LEU D 99 29.72 -7.77 -14.33
CA LEU D 99 28.98 -7.35 -13.15
C LEU D 99 29.79 -6.23 -12.52
N PRO D 100 29.28 -5.03 -12.27
CA PRO D 100 30.03 -3.96 -11.60
C PRO D 100 30.34 -4.25 -10.13
N GLU D 101 31.08 -3.38 -9.42
CA GLU D 101 31.20 -3.53 -7.97
C GLU D 101 29.93 -3.10 -7.29
N ARG D 102 29.12 -2.22 -7.89
CA ARG D 102 27.96 -1.70 -7.22
C ARG D 102 26.86 -1.24 -8.13
N ILE D 103 25.63 -1.22 -7.63
CA ILE D 103 24.50 -0.75 -8.40
C ILE D 103 23.79 0.24 -7.51
N ASP D 104 23.77 1.48 -7.96
CA ASP D 104 23.10 2.55 -7.24
C ASP D 104 21.76 2.87 -7.89
N ASN D 105 20.83 3.48 -7.18
CA ASN D 105 19.58 3.97 -7.72
C ASN D 105 18.41 3.13 -8.13
N VAL D 106 18.66 1.94 -8.66
CA VAL D 106 17.58 1.17 -9.25
C VAL D 106 17.01 0.05 -8.42
N LEU D 107 17.75 -0.49 -7.44
CA LEU D 107 17.26 -1.66 -6.71
C LEU D 107 16.61 -1.30 -5.38
N VAL D 108 15.73 -2.11 -4.80
CA VAL D 108 15.05 -1.74 -3.56
C VAL D 108 15.46 -2.72 -2.46
N CYS D 109 15.93 -2.21 -1.32
CA CYS D 109 16.38 -3.08 -0.26
C CYS D 109 15.24 -3.92 0.29
N PRO D 110 15.39 -5.24 0.32
CA PRO D 110 14.41 -6.15 0.85
C PRO D 110 14.11 -5.97 2.34
N ASN D 111 14.99 -5.29 3.08
CA ASN D 111 14.80 -5.15 4.50
C ASN D 111 13.83 -4.06 4.88
N SER D 112 12.60 -4.43 5.28
CA SER D 112 11.59 -3.50 5.76
C SER D 112 12.10 -2.34 6.61
N ASN D 113 12.99 -2.67 7.55
CA ASN D 113 13.50 -1.72 8.51
C ASN D 113 14.76 -1.01 8.05
N CYS D 114 15.14 -1.03 6.78
CA CYS D 114 16.28 -0.29 6.29
C CYS D 114 15.80 1.14 6.17
N ILE D 115 16.59 2.11 6.64
CA ILE D 115 16.27 3.53 6.54
C ILE D 115 16.12 3.97 5.09
N SER D 116 16.65 3.19 4.13
CA SER D 116 16.63 3.54 2.71
C SER D 116 15.20 3.75 2.28
N HIS D 117 14.28 3.03 2.89
CA HIS D 117 12.87 3.15 2.58
C HIS D 117 12.20 4.42 3.09
N ALA D 118 12.68 5.14 4.10
CA ALA D 118 11.94 6.29 4.63
C ALA D 118 12.56 7.64 4.28
N GLU D 119 13.85 7.66 4.13
CA GLU D 119 14.50 8.93 3.93
C GLU D 119 14.69 9.24 2.46
N PRO D 120 15.07 10.44 2.01
CA PRO D 120 15.30 10.75 0.61
C PRO D 120 16.69 10.37 0.16
N VAL D 121 17.08 9.09 0.08
CA VAL D 121 18.42 8.74 -0.42
C VAL D 121 18.37 7.67 -1.48
N SER D 122 19.33 7.71 -2.41
CA SER D 122 19.44 6.70 -3.46
C SER D 122 20.04 5.43 -2.91
N SER D 123 19.31 4.34 -3.17
CA SER D 123 19.73 3.00 -2.79
C SER D 123 21.08 2.70 -3.42
N SER D 124 21.87 1.80 -2.88
CA SER D 124 23.15 1.49 -3.49
C SER D 124 23.54 0.15 -2.94
N PHE D 125 23.96 -0.80 -3.77
CA PHE D 125 24.30 -2.14 -3.33
C PHE D 125 25.65 -2.49 -3.90
N ALA D 126 26.40 -3.31 -3.19
CA ALA D 126 27.65 -3.83 -3.68
C ALA D 126 27.29 -5.18 -4.28
N VAL D 127 28.01 -5.55 -5.34
CA VAL D 127 27.78 -6.72 -6.18
C VAL D 127 28.90 -7.73 -5.96
N ARG D 128 28.79 -8.76 -5.13
CA ARG D 128 29.85 -9.74 -5.05
C ARG D 128 29.26 -10.95 -5.73
N LYS D 129 30.08 -11.59 -6.54
CA LYS D 129 29.66 -12.66 -7.41
C LYS D 129 29.97 -13.98 -6.70
N ARG D 130 29.09 -14.25 -5.75
CA ARG D 130 29.22 -15.29 -4.73
C ARG D 130 28.97 -16.77 -5.08
N ALA D 131 29.98 -17.41 -5.70
CA ALA D 131 29.97 -18.83 -6.06
C ALA D 131 28.80 -19.25 -6.94
N ASN D 132 27.61 -19.41 -6.35
CA ASN D 132 26.41 -19.80 -7.08
C ASN D 132 25.65 -18.60 -7.65
N ASP D 133 25.64 -17.43 -6.99
CA ASP D 133 24.88 -16.28 -7.48
C ASP D 133 25.40 -14.96 -6.92
N ILE D 134 24.87 -13.87 -7.47
CA ILE D 134 25.30 -12.54 -7.10
C ILE D 134 24.68 -12.26 -5.75
N ALA D 135 25.47 -11.77 -4.79
CA ALA D 135 24.99 -11.30 -3.49
C ALA D 135 25.07 -9.79 -3.52
N LEU D 136 24.10 -9.11 -2.96
CA LEU D 136 24.10 -7.67 -3.00
C LEU D 136 24.09 -7.21 -1.56
N LYS D 137 25.03 -6.39 -1.13
CA LYS D 137 25.03 -5.89 0.25
C LYS D 137 24.47 -4.47 0.15
N CYS D 138 23.50 -4.11 0.96
CA CYS D 138 22.94 -2.78 0.96
C CYS D 138 23.90 -1.85 1.63
N LYS D 139 24.16 -0.69 1.04
CA LYS D 139 25.07 0.31 1.62
C LYS D 139 24.65 0.84 2.99
N TYR D 140 23.35 0.82 3.31
CA TYR D 140 22.87 1.39 4.55
C TYR D 140 22.69 0.32 5.58
N CYS D 141 21.89 -0.74 5.42
CA CYS D 141 21.67 -1.65 6.54
C CYS D 141 22.65 -2.76 6.69
N GLU D 142 23.62 -2.77 5.77
CA GLU D 142 24.66 -3.76 5.70
C GLU D 142 24.25 -5.22 5.52
N LYS D 143 22.97 -5.57 5.37
CA LYS D 143 22.57 -6.95 5.11
C LYS D 143 22.93 -7.24 3.65
N GLU D 144 23.18 -8.51 3.42
CA GLU D 144 23.62 -8.99 2.13
C GLU D 144 22.55 -9.95 1.69
N PHE D 145 22.10 -9.89 0.44
CA PHE D 145 20.98 -10.70 -0.04
C PHE D 145 21.31 -11.42 -1.33
N SER D 146 20.52 -12.46 -1.64
CA SER D 146 20.66 -13.10 -2.93
C SER D 146 20.02 -12.12 -3.92
N HIS D 147 20.69 -11.97 -5.06
CA HIS D 147 20.18 -11.12 -6.11
C HIS D 147 18.80 -11.59 -6.54
N ASN D 148 18.47 -12.85 -6.32
CA ASN D 148 17.16 -13.38 -6.66
C ASN D 148 16.16 -12.59 -5.84
N VAL D 149 16.47 -12.48 -4.55
CA VAL D 149 15.62 -11.78 -3.61
C VAL D 149 15.55 -10.32 -3.95
N VAL D 150 16.70 -9.65 -4.14
CA VAL D 150 16.72 -8.21 -4.37
C VAL D 150 16.02 -7.79 -5.67
N LEU D 151 16.14 -8.56 -6.76
CA LEU D 151 15.45 -8.21 -7.99
C LEU D 151 14.50 -9.31 -8.36
N ALA D 152 13.61 -9.47 -7.41
CA ALA D 152 12.51 -10.38 -7.58
C ALA D 152 11.43 -9.63 -8.37
N ASN D 153 10.53 -10.46 -8.87
CA ASN D 153 9.26 -10.07 -9.46
C ASN D 153 8.34 -11.18 -8.99
P PAL E . -32.34 4.76 8.92
O1P PAL E . -30.81 4.99 8.68
O2P PAL E . -32.81 4.90 10.41
O3P PAL E . -32.68 3.36 8.34
C1P PAL E . -33.27 6.04 7.98
C1 PAL E . -32.71 6.23 6.59
O1 PAL E . -32.90 5.38 5.70
N2 PAL E . -31.96 7.32 6.39
C2 PAL E . -31.30 7.61 5.13
C4 PAL E . -30.12 6.72 4.76
O2 PAL E . -29.58 6.87 3.67
O3 PAL E . -29.70 5.89 5.56
C3 PAL E . -30.88 9.07 5.19
C5 PAL E . -29.85 9.50 6.24
O4 PAL E . -29.31 8.66 6.97
O5 PAL E . -29.59 10.69 6.32
ZN ZN F . -16.96 1.40 -8.71
P PAL G . 21.42 0.37 26.87
O1P PAL G . 22.12 1.61 26.25
O2P PAL G . 20.24 -0.12 26.00
O3P PAL G . 20.97 0.65 28.34
C1P PAL G . 22.65 -0.97 26.91
C1 PAL G . 22.91 -1.47 25.51
O1 PAL G . 23.61 -0.85 24.72
N2 PAL G . 22.26 -2.58 25.18
C2 PAL G . 22.39 -3.21 23.87
C4 PAL G . 21.76 -2.68 22.56
O2 PAL G . 20.94 -1.75 22.54
O3 PAL G . 22.11 -3.26 21.53
C3 PAL G . 22.00 -4.66 24.12
C5 PAL G . 20.55 -4.94 24.45
O4 PAL G . 20.23 -6.10 24.67
O5 PAL G . 19.73 -4.02 24.50
ZN ZN H . 19.14 -1.99 3.27
#